data_8Q42
#
_entry.id   8Q42
#
_cell.length_a   57.897
_cell.length_b   78.026
_cell.length_c   94.791
_cell.angle_alpha   90.000
_cell.angle_beta   95.450
_cell.angle_gamma   90.000
#
_symmetry.space_group_name_H-M   'P 1 21 1'
#
loop_
_entity.id
_entity.type
_entity.pdbx_description
1 polymer 'DUF1887 family protein'
2 polymer "DNA (5'-D(*AP*AP*AP*A)-3')"
3 polymer 'Cyclic tetraadenosine monophosphate (cA4)'
4 non-polymer 'MANGANESE (II) ION'
5 water water
#
loop_
_entity_poly.entity_id
_entity_poly.type
_entity_poly.pdbx_seq_one_letter_code
_entity_poly.pdbx_strand_id
1 'polypeptide(L)'
;SNMNEKVLVLIVGTNPLPNYVVGSHLKEKYDKFVLIYSEKNDKINQNSTYDYAKKLKEHLNLNDKCIFLPLSDVSNSEKI
INDLREKFPSEDFVEVHLNYTGGTKTMVVHIYNFLKEKFKNNKIKFEGSYLDARDYKLVYDYSEEAISLKDTIKIDINTL
LSIHLYEDIHFEFYDTYSYKQKFVDSFDKISQEIEKAIKDDKGEDFVKWLEDPFRKIFKGENKLLEKTAKFKKHIEKLLK
DNDSSPIVKFNEKTPQFIWDILNAFPEGKKLNDGQKLWIPDDKITNDNLSSRVKDTVEFLNGKWFEWYVYSQIKSELLDR
KLKEGEHFGISLKAQKKDSPYFALDIFLINGYQLIGISLTTSSTRELCKLKGFEVIHRVRQIGGDESKAILITGMDKSKT
EDLQKDLAYETGSTQKRFVVFGIDDWADIGSKICEEVFK
;
A,B
2 'polydeoxyribonucleotide' (DA)(DA)(DA)(DA)(DA)(DA) D
3 'polyribonucleotide' AAAA X
#
loop_
_chem_comp.id
_chem_comp.type
_chem_comp.name
_chem_comp.formula
A RNA linking ADENOSINE-5'-MONOPHOSPHATE 'C10 H14 N5 O7 P'
DA DNA linking 2'-DEOXYADENOSINE-5'-MONOPHOSPHATE 'C10 H14 N5 O6 P'
MN non-polymer 'MANGANESE (II) ION' 'Mn 2'
#
# COMPACT_ATOMS: atom_id res chain seq x y z
N ASN A 4 -36.58 -14.61 27.48
CA ASN A 4 -35.59 -14.34 28.53
C ASN A 4 -34.24 -13.95 27.94
N GLU A 5 -33.32 -14.89 27.83
CA GLU A 5 -31.97 -14.57 27.36
C GLU A 5 -31.85 -14.40 25.86
N LYS A 6 -31.20 -13.33 25.44
CA LYS A 6 -31.02 -13.07 24.03
C LYS A 6 -29.54 -13.04 23.70
N VAL A 7 -29.15 -13.72 22.64
CA VAL A 7 -27.74 -13.80 22.32
C VAL A 7 -27.36 -13.23 20.96
N LEU A 8 -26.25 -12.49 20.93
CA LEU A 8 -25.74 -11.94 19.69
C LEU A 8 -24.48 -12.71 19.32
N VAL A 9 -24.39 -13.14 18.07
CA VAL A 9 -23.26 -13.94 17.59
C VAL A 9 -22.50 -13.12 16.56
N LEU A 10 -21.18 -13.03 16.75
CA LEU A 10 -20.31 -12.29 15.85
C LEU A 10 -19.21 -13.21 15.32
N ILE A 11 -18.88 -13.05 14.04
CA ILE A 11 -17.84 -13.84 13.40
C ILE A 11 -16.59 -12.99 13.33
N VAL A 12 -15.53 -13.40 14.04
CA VAL A 12 -14.34 -12.59 14.20
C VAL A 12 -13.37 -12.92 13.07
N GLY A 13 -13.38 -12.08 12.02
CA GLY A 13 -12.37 -12.14 10.98
C GLY A 13 -11.19 -11.26 11.34
N THR A 14 -10.42 -10.86 10.33
CA THR A 14 -9.26 -10.01 10.59
C THR A 14 -9.56 -8.51 10.47
N ASN A 15 -10.82 -8.15 10.26
CA ASN A 15 -11.22 -6.75 10.29
C ASN A 15 -12.14 -6.56 11.51
N PRO A 16 -11.57 -6.13 12.63
CA PRO A 16 -12.37 -5.98 13.87
C PRO A 16 -13.39 -4.84 13.85
N LEU A 17 -13.19 -3.82 13.04
CA LEU A 17 -14.08 -2.64 13.07
C LEU A 17 -15.58 -2.91 12.84
N PRO A 18 -15.92 -3.69 11.80
CA PRO A 18 -17.33 -4.00 11.58
C PRO A 18 -17.97 -4.64 12.82
N ASN A 19 -17.26 -5.56 13.45
CA ASN A 19 -17.78 -6.21 14.64
C ASN A 19 -17.93 -5.23 15.80
N TYR A 20 -16.97 -4.33 15.95
CA TYR A 20 -17.06 -3.32 16.99
C TYR A 20 -18.27 -2.43 16.76
N VAL A 21 -18.53 -2.09 15.51
CA VAL A 21 -19.64 -1.23 15.18
C VAL A 21 -20.99 -1.92 15.41
N VAL A 22 -21.15 -3.13 14.89
CA VAL A 22 -22.39 -3.87 15.14
C VAL A 22 -22.57 -4.08 16.64
N GLY A 23 -21.50 -4.46 17.34
CA GLY A 23 -21.59 -4.68 18.77
C GLY A 23 -21.94 -3.44 19.56
N SER A 24 -21.31 -2.30 19.22
CA SER A 24 -21.68 -1.04 19.88
C SER A 24 -23.14 -0.72 19.66
N HIS A 25 -23.65 -1.00 18.46
CA HIS A 25 -25.02 -0.64 18.16
C HIS A 25 -26.02 -1.53 18.88
N LEU A 26 -25.70 -2.81 19.07
CA LEU A 26 -26.65 -3.80 19.57
C LEU A 26 -26.40 -4.25 21.00
N LYS A 27 -25.26 -3.86 21.59
CA LYS A 27 -24.83 -4.32 22.91
C LYS A 27 -25.97 -4.28 23.92
N GLU A 28 -26.70 -3.16 23.97
CA GLU A 28 -27.67 -2.96 25.03
C GLU A 28 -28.90 -3.84 24.91
N LYS A 29 -29.08 -4.55 23.79
CA LYS A 29 -30.26 -5.37 23.58
C LYS A 29 -29.99 -6.86 23.77
N TYR A 30 -28.76 -7.26 24.11
CA TYR A 30 -28.44 -8.69 24.22
C TYR A 30 -27.81 -9.01 25.56
N ASP A 31 -28.10 -10.23 26.04
CA ASP A 31 -27.62 -10.72 27.32
C ASP A 31 -26.34 -11.52 27.21
N LYS A 32 -26.07 -12.11 26.05
CA LYS A 32 -24.88 -12.91 25.83
C LYS A 32 -24.31 -12.58 24.47
N PHE A 33 -22.99 -12.70 24.36
CA PHE A 33 -22.29 -12.46 23.10
C PHE A 33 -21.37 -13.63 22.85
N VAL A 34 -21.55 -14.27 21.70
CA VAL A 34 -20.69 -15.37 21.27
C VAL A 34 -19.76 -14.82 20.18
N LEU A 35 -18.46 -14.83 20.45
CA LEU A 35 -17.47 -14.37 19.49
C LEU A 35 -16.82 -15.61 18.86
N ILE A 36 -17.10 -15.85 17.58
CA ILE A 36 -16.58 -17.02 16.91
C ILE A 36 -15.30 -16.65 16.20
N TYR A 37 -14.19 -17.26 16.60
CA TYR A 37 -12.88 -16.89 16.10
C TYR A 37 -12.11 -18.14 15.69
N SER A 38 -11.02 -17.93 14.97
CA SER A 38 -10.21 -19.03 14.45
C SER A 38 -9.06 -19.33 15.39
N GLU A 39 -8.68 -20.62 15.44
CA GLU A 39 -7.45 -21.07 16.09
C GLU A 39 -6.29 -21.05 15.09
N LYS A 40 -5.08 -21.07 15.62
CA LYS A 40 -3.86 -20.99 14.82
C LYS A 40 -3.36 -22.40 14.53
N ASN A 41 -3.08 -22.68 13.26
CA ASN A 41 -2.55 -23.98 12.87
C ASN A 41 -1.67 -23.80 11.63
N ASP A 42 -0.35 -23.90 11.82
CA ASP A 42 0.58 -23.59 10.73
C ASP A 42 0.53 -24.61 9.60
N LYS A 43 0.13 -25.85 9.90
CA LYS A 43 0.06 -26.90 8.88
C LYS A 43 -0.89 -26.50 7.74
N ILE A 44 -1.98 -25.82 8.06
CA ILE A 44 -2.94 -25.39 7.06
C ILE A 44 -2.83 -23.88 6.80
N ASN A 45 -1.73 -23.25 7.20
CA ASN A 45 -1.47 -21.83 6.96
C ASN A 45 -2.57 -20.93 7.51
N GLN A 46 -3.09 -21.28 8.69
CA GLN A 46 -4.25 -20.62 9.26
C GLN A 46 -3.83 -19.88 10.53
N ASN A 47 -3.90 -18.57 10.50
CA ASN A 47 -3.65 -17.74 11.65
C ASN A 47 -4.92 -17.63 12.51
N SER A 48 -4.73 -17.24 13.78
CA SER A 48 -5.81 -17.04 14.73
C SER A 48 -6.27 -15.59 14.72
N THR A 49 -7.59 -15.38 14.85
CA THR A 49 -8.14 -14.05 15.11
C THR A 49 -8.49 -13.86 16.61
N TYR A 50 -7.96 -14.73 17.48
CA TYR A 50 -8.20 -14.56 18.91
C TYR A 50 -7.84 -13.15 19.40
N ASP A 51 -6.74 -12.58 18.90
CA ASP A 51 -6.35 -11.24 19.36
C ASP A 51 -7.46 -10.23 19.08
N TYR A 52 -8.13 -10.34 17.93
CA TYR A 52 -9.22 -9.43 17.63
C TYR A 52 -10.43 -9.69 18.54
N ALA A 53 -10.77 -10.96 18.74
CA ALA A 53 -11.87 -11.30 19.64
C ALA A 53 -11.64 -10.73 21.04
N LYS A 54 -10.40 -10.77 21.51
CA LYS A 54 -10.11 -10.30 22.86
C LYS A 54 -10.18 -8.77 22.93
N LYS A 55 -9.73 -8.07 21.88
CA LYS A 55 -9.90 -6.62 21.84
C LYS A 55 -11.38 -6.25 21.78
N LEU A 56 -12.18 -7.04 21.05
CA LEU A 56 -13.61 -6.76 20.98
C LEU A 56 -14.28 -6.94 22.35
N LYS A 57 -14.02 -8.06 23.02
CA LYS A 57 -14.57 -8.21 24.36
C LYS A 57 -14.19 -7.03 25.25
N GLU A 58 -12.94 -6.60 25.16
CA GLU A 58 -12.45 -5.53 26.01
C GLU A 58 -13.16 -4.22 25.70
N HIS A 59 -13.14 -3.80 24.43
CA HIS A 59 -13.59 -2.46 24.08
C HIS A 59 -15.11 -2.35 23.94
N LEU A 60 -15.83 -3.47 23.85
CA LEU A 60 -17.28 -3.47 23.98
C LEU A 60 -17.75 -3.62 25.43
N ASN A 61 -16.82 -3.81 26.36
CA ASN A 61 -17.09 -4.03 27.79
C ASN A 61 -18.04 -5.20 28.03
N LEU A 62 -17.80 -6.31 27.32
CA LEU A 62 -18.73 -7.44 27.38
C LEU A 62 -18.67 -8.18 28.72
N ASN A 63 -17.48 -8.27 29.32
CA ASN A 63 -17.25 -8.91 30.63
C ASN A 63 -17.69 -10.38 30.54
N ASP A 64 -18.42 -10.88 31.53
CA ASP A 64 -18.82 -12.28 31.63
C ASP A 64 -19.98 -12.65 30.72
N LYS A 65 -20.52 -11.69 29.97
CA LYS A 65 -21.52 -12.00 28.96
C LYS A 65 -20.88 -12.46 27.65
N CYS A 66 -19.55 -12.40 27.56
CA CYS A 66 -18.82 -12.81 26.39
C CYS A 66 -18.50 -14.29 26.47
N ILE A 67 -18.87 -15.04 25.43
CA ILE A 67 -18.47 -16.42 25.26
C ILE A 67 -17.58 -16.51 24.04
N PHE A 68 -16.34 -16.92 24.23
CA PHE A 68 -15.44 -17.19 23.11
C PHE A 68 -15.72 -18.59 22.57
N LEU A 69 -15.74 -18.72 21.24
CA LEU A 69 -15.94 -20.01 20.59
C LEU A 69 -14.88 -20.22 19.52
N PRO A 70 -13.86 -21.03 19.79
CA PRO A 70 -12.79 -21.25 18.80
C PRO A 70 -13.16 -22.26 17.72
N LEU A 71 -12.78 -21.95 16.48
CA LEU A 71 -12.85 -22.88 15.34
C LEU A 71 -11.47 -23.38 15.00
N SER A 72 -11.32 -24.71 14.89
CA SER A 72 -10.03 -25.30 14.55
C SER A 72 -9.68 -25.14 13.08
N ASP A 73 -10.67 -25.11 12.18
CA ASP A 73 -10.38 -25.06 10.74
C ASP A 73 -11.49 -24.27 10.07
N VAL A 74 -11.18 -23.05 9.61
CA VAL A 74 -12.21 -22.17 9.10
C VAL A 74 -12.45 -22.33 7.60
N SER A 75 -11.80 -23.31 6.96
CA SER A 75 -12.09 -23.63 5.57
C SER A 75 -12.82 -24.96 5.43
N ASN A 76 -13.24 -25.58 6.51
CA ASN A 76 -13.69 -26.97 6.49
C ASN A 76 -15.09 -27.03 7.10
N SER A 77 -16.10 -27.21 6.24
CA SER A 77 -17.49 -27.16 6.69
C SER A 77 -17.74 -28.17 7.81
N GLU A 78 -17.21 -29.39 7.67
CA GLU A 78 -17.48 -30.42 8.67
C GLU A 78 -16.84 -30.10 10.02
N LYS A 79 -15.60 -29.60 10.01
CA LYS A 79 -14.99 -29.23 11.28
C LYS A 79 -15.68 -28.01 11.89
N ILE A 80 -16.12 -27.07 11.05
CA ILE A 80 -16.86 -25.90 11.55
C ILE A 80 -18.14 -26.34 12.24
N ILE A 81 -18.92 -27.20 11.59
CA ILE A 81 -20.19 -27.67 12.16
C ILE A 81 -19.93 -28.47 13.43
N ASN A 82 -18.88 -29.29 13.42
CA ASN A 82 -18.54 -30.06 14.62
C ASN A 82 -18.19 -29.14 15.78
N ASP A 83 -17.35 -28.13 15.53
CA ASP A 83 -16.98 -27.20 16.59
C ASP A 83 -18.20 -26.47 17.12
N LEU A 84 -19.08 -26.00 16.23
CA LEU A 84 -20.33 -25.37 16.65
C LEU A 84 -21.16 -26.32 17.50
N ARG A 85 -21.33 -27.57 17.02
CA ARG A 85 -22.14 -28.52 17.76
C ARG A 85 -21.61 -28.73 19.17
N GLU A 86 -20.28 -28.70 19.33
CA GLU A 86 -19.68 -28.99 20.62
C GLU A 86 -19.54 -27.77 21.53
N LYS A 87 -19.46 -26.55 20.98
CA LYS A 87 -19.10 -25.39 21.78
C LYS A 87 -20.13 -24.26 21.79
N PHE A 88 -21.16 -24.31 20.96
CA PHE A 88 -22.13 -23.22 21.03
C PHE A 88 -22.97 -23.36 22.31
N PRO A 89 -23.19 -22.27 23.06
CA PRO A 89 -23.86 -22.37 24.35
C PRO A 89 -25.20 -23.08 24.22
N SER A 90 -25.53 -23.90 25.23
CA SER A 90 -26.71 -24.75 25.19
C SER A 90 -27.88 -24.22 26.00
N GLU A 91 -27.76 -23.05 26.63
CA GLU A 91 -28.88 -22.49 27.38
C GLU A 91 -30.07 -22.25 26.45
N ASP A 92 -31.26 -22.15 27.06
CA ASP A 92 -32.45 -21.76 26.34
C ASP A 92 -32.38 -20.26 26.04
N PHE A 93 -32.47 -19.91 24.75
CA PHE A 93 -32.49 -18.52 24.30
C PHE A 93 -33.82 -18.22 23.63
N VAL A 94 -34.34 -17.03 23.89
CA VAL A 94 -35.56 -16.60 23.19
C VAL A 94 -35.22 -15.90 21.88
N GLU A 95 -33.96 -15.50 21.70
CA GLU A 95 -33.51 -14.88 20.45
C GLU A 95 -32.03 -15.18 20.25
N VAL A 96 -31.68 -15.51 19.00
CA VAL A 96 -30.30 -15.72 18.57
C VAL A 96 -30.11 -14.85 17.33
N HIS A 97 -29.28 -13.80 17.44
CA HIS A 97 -29.02 -12.88 16.35
C HIS A 97 -27.59 -13.08 15.87
N LEU A 98 -27.45 -13.57 14.63
CA LEU A 98 -26.14 -13.77 13.99
C LEU A 98 -25.84 -12.58 13.08
N ASN A 99 -24.82 -11.80 13.41
CA ASN A 99 -24.29 -10.85 12.45
C ASN A 99 -23.15 -11.55 11.72
N TYR A 100 -23.31 -11.76 10.41
CA TYR A 100 -22.40 -12.61 9.67
C TYR A 100 -21.46 -11.81 8.78
N THR A 101 -21.09 -10.59 9.19
CA THR A 101 -20.24 -9.75 8.34
C THR A 101 -18.81 -10.27 8.29
N GLY A 102 -18.26 -10.72 9.42
CA GLY A 102 -16.86 -11.12 9.46
C GLY A 102 -16.62 -12.56 8.98
N GLY A 103 -15.34 -12.90 8.86
CA GLY A 103 -14.90 -14.29 8.67
C GLY A 103 -14.72 -14.67 7.22
N THR A 104 -14.32 -15.93 7.01
CA THR A 104 -14.32 -16.56 5.69
C THR A 104 -15.76 -16.84 5.22
N LYS A 105 -15.91 -17.13 3.92
CA LYS A 105 -17.24 -17.45 3.40
C LYS A 105 -17.76 -18.78 3.92
N THR A 106 -16.86 -19.74 4.23
CA THR A 106 -17.32 -21.00 4.79
C THR A 106 -17.77 -20.85 6.23
N MET A 107 -17.06 -20.00 7.02
CA MET A 107 -17.57 -19.67 8.35
C MET A 107 -18.98 -19.14 8.24
N VAL A 108 -19.19 -18.18 7.34
CA VAL A 108 -20.49 -17.54 7.19
C VAL A 108 -21.58 -18.56 6.84
N VAL A 109 -21.40 -19.26 5.74
CA VAL A 109 -22.44 -20.19 5.31
C VAL A 109 -22.81 -21.20 6.37
N HIS A 110 -21.82 -21.85 6.96
CA HIS A 110 -22.11 -22.93 7.91
C HIS A 110 -22.49 -22.49 9.32
N ILE A 111 -22.09 -21.29 9.72
CA ILE A 111 -22.53 -20.79 11.00
C ILE A 111 -23.96 -20.32 10.84
N TYR A 112 -24.25 -19.63 9.74
CA TYR A 112 -25.61 -19.19 9.47
C TYR A 112 -26.57 -20.37 9.44
N ASN A 113 -26.23 -21.40 8.68
CA ASN A 113 -27.15 -22.52 8.51
C ASN A 113 -27.20 -23.40 9.74
N PHE A 114 -26.06 -23.57 10.44
CA PHE A 114 -26.10 -24.27 11.72
C PHE A 114 -27.09 -23.61 12.68
N LEU A 115 -27.02 -22.28 12.82
CA LEU A 115 -27.85 -21.62 13.81
C LEU A 115 -29.31 -21.55 13.35
N LYS A 116 -29.53 -21.22 12.08
CA LYS A 116 -30.88 -21.23 11.53
C LYS A 116 -31.57 -22.57 11.79
N GLU A 117 -30.82 -23.67 11.72
CA GLU A 117 -31.43 -24.98 11.98
C GLU A 117 -31.63 -25.23 13.47
N LYS A 118 -30.59 -25.00 14.27
CA LYS A 118 -30.66 -25.26 15.70
C LYS A 118 -31.78 -24.48 16.38
N PHE A 119 -32.03 -23.26 15.91
CA PHE A 119 -32.99 -22.37 16.55
C PHE A 119 -34.19 -22.12 15.64
N LYS A 120 -34.65 -23.16 14.96
CA LYS A 120 -35.81 -23.06 14.10
C LYS A 120 -37.13 -23.23 14.85
N ASN A 121 -37.10 -23.18 16.20
CA ASN A 121 -38.30 -23.35 16.99
C ASN A 121 -39.33 -22.27 16.69
N ASN A 122 -40.59 -22.58 17.02
CA ASN A 122 -41.67 -21.63 16.80
C ASN A 122 -41.56 -20.41 17.70
N LYS A 123 -40.88 -20.52 18.84
CA LYS A 123 -40.81 -19.45 19.81
C LYS A 123 -39.39 -18.94 20.06
N ILE A 124 -38.42 -19.31 19.21
CA ILE A 124 -37.08 -18.75 19.26
C ILE A 124 -36.87 -17.89 18.02
N LYS A 125 -36.61 -16.60 18.24
CA LYS A 125 -36.43 -15.65 17.14
C LYS A 125 -35.02 -15.78 16.56
N PHE A 126 -34.93 -16.19 15.28
CA PHE A 126 -33.66 -16.21 14.57
C PHE A 126 -33.58 -15.03 13.63
N GLU A 127 -32.46 -14.32 13.67
CA GLU A 127 -32.20 -13.14 12.86
C GLU A 127 -30.77 -13.21 12.35
N GLY A 128 -30.57 -12.71 11.14
CA GLY A 128 -29.23 -12.53 10.60
C GLY A 128 -29.09 -11.11 10.08
N SER A 129 -27.95 -10.51 10.34
CA SER A 129 -27.72 -9.15 9.85
C SER A 129 -26.33 -9.06 9.22
N TYR A 130 -26.15 -7.98 8.44
CA TYR A 130 -24.95 -7.74 7.66
C TYR A 130 -24.68 -6.25 7.64
N LEU A 131 -23.48 -5.86 8.02
CA LEU A 131 -23.08 -4.45 7.99
C LEU A 131 -22.48 -4.11 6.62
N ASP A 132 -23.18 -3.25 5.87
CA ASP A 132 -22.79 -2.85 4.53
C ASP A 132 -21.67 -1.81 4.63
N ALA A 133 -20.49 -2.16 4.13
CA ALA A 133 -19.39 -1.19 4.17
C ALA A 133 -19.58 -0.06 3.20
N ARG A 134 -20.43 -0.23 2.19
CA ARG A 134 -20.50 0.79 1.14
C ARG A 134 -21.44 1.93 1.49
N ASP A 135 -22.60 1.64 2.08
CA ASP A 135 -23.55 2.69 2.45
C ASP A 135 -23.84 2.71 3.96
N TYR A 136 -22.96 2.13 4.77
CA TYR A 136 -23.04 2.24 6.24
C TYR A 136 -24.40 1.83 6.78
N LYS A 137 -24.89 0.67 6.36
CA LYS A 137 -26.21 0.18 6.74
C LYS A 137 -26.09 -1.19 7.38
N LEU A 138 -26.76 -1.35 8.53
CA LEU A 138 -26.97 -2.68 9.12
C LEU A 138 -28.26 -3.25 8.55
N VAL A 139 -28.16 -4.33 7.80
CA VAL A 139 -29.28 -4.85 7.04
C VAL A 139 -29.71 -6.16 7.67
N TYR A 140 -31.02 -6.31 7.90
CA TYR A 140 -31.59 -7.50 8.53
C TYR A 140 -32.23 -8.42 7.50
N ASP A 141 -32.01 -9.73 7.70
CA ASP A 141 -32.54 -10.76 6.81
C ASP A 141 -34.05 -10.93 6.95
N TYR A 142 -34.53 -11.11 8.18
CA TYR A 142 -35.94 -11.47 8.36
C TYR A 142 -36.85 -10.26 8.60
N SER A 143 -36.45 -9.34 9.47
CA SER A 143 -37.24 -8.13 9.64
C SER A 143 -37.21 -7.22 8.41
N GLU A 144 -36.26 -7.43 7.49
CA GLU A 144 -36.05 -6.58 6.31
C GLU A 144 -35.74 -5.12 6.67
N GLU A 145 -35.32 -4.86 7.90
CA GLU A 145 -34.90 -3.52 8.27
C GLU A 145 -33.57 -3.18 7.63
N ALA A 146 -33.30 -1.88 7.50
CA ALA A 146 -32.02 -1.42 6.99
C ALA A 146 -31.70 -0.09 7.67
N ILE A 147 -30.77 -0.12 8.62
CA ILE A 147 -30.59 0.97 9.58
C ILE A 147 -29.24 1.61 9.33
N SER A 148 -29.25 2.89 8.95
CA SER A 148 -27.99 3.60 8.75
C SER A 148 -27.29 3.83 10.07
N LEU A 149 -26.04 3.39 10.18
CA LEU A 149 -25.22 3.65 11.36
C LEU A 149 -24.18 4.74 11.13
N LYS A 150 -24.19 5.37 9.94
CA LYS A 150 -23.09 6.25 9.54
C LYS A 150 -22.90 7.39 10.53
N ASP A 151 -24.00 7.92 11.07
CA ASP A 151 -23.97 9.07 11.95
C ASP A 151 -24.30 8.74 13.39
N THR A 152 -24.66 7.49 13.69
CA THR A 152 -25.02 7.12 15.06
C THR A 152 -23.89 6.44 15.82
N ILE A 153 -23.10 5.62 15.14
CA ILE A 153 -22.02 4.91 15.81
C ILE A 153 -20.71 5.67 15.68
N LYS A 154 -20.08 5.94 16.81
CA LYS A 154 -18.85 6.71 16.79
C LYS A 154 -17.68 5.92 17.36
N ILE A 155 -16.47 6.33 17.02
CA ILE A 155 -15.29 5.69 17.55
C ILE A 155 -14.18 6.72 17.66
N ASP A 156 -13.31 6.54 18.62
CA ASP A 156 -12.20 7.47 18.81
C ASP A 156 -10.91 6.81 18.34
N ILE A 157 -9.87 7.63 18.14
CA ILE A 157 -8.62 7.12 17.59
C ILE A 157 -7.96 6.11 18.51
N ASN A 158 -8.13 6.27 19.83
CA ASN A 158 -7.51 5.30 20.74
C ASN A 158 -8.16 3.94 20.63
N THR A 159 -9.50 3.91 20.55
CA THR A 159 -10.19 2.64 20.42
C THR A 159 -9.92 2.01 19.05
N LEU A 160 -9.94 2.84 18.00
CA LEU A 160 -9.69 2.35 16.64
C LEU A 160 -8.33 1.66 16.54
N LEU A 161 -7.27 2.33 17.01
CA LEU A 161 -5.94 1.74 16.92
C LEU A 161 -5.79 0.53 17.84
N SER A 162 -6.47 0.55 18.98
CA SER A 162 -6.30 -0.56 19.89
C SER A 162 -6.92 -1.85 19.33
N ILE A 163 -8.11 -1.78 18.72
CA ILE A 163 -8.71 -3.01 18.22
C ILE A 163 -7.90 -3.56 17.05
N HIS A 164 -7.16 -2.70 16.35
CA HIS A 164 -6.28 -3.13 15.27
C HIS A 164 -4.90 -3.47 15.78
N LEU A 165 -4.74 -3.56 17.10
CA LEU A 165 -3.55 -4.07 17.80
C LEU A 165 -2.43 -3.04 17.87
N TYR A 166 -2.73 -1.76 17.74
CA TYR A 166 -1.70 -0.74 17.93
C TYR A 166 -1.73 -0.24 19.37
N GLU A 167 -0.59 0.27 19.82
CA GLU A 167 -0.45 0.70 21.20
C GLU A 167 0.59 1.81 21.26
N ASP A 168 0.71 2.42 22.44
CA ASP A 168 1.61 3.55 22.68
C ASP A 168 1.30 4.69 21.70
N ILE A 169 0.05 5.15 21.76
CA ILE A 169 -0.49 6.12 20.83
C ILE A 169 -0.15 7.53 21.28
N HIS A 170 0.42 8.34 20.37
CA HIS A 170 0.75 9.73 20.65
C HIS A 170 0.24 10.61 19.51
N PHE A 171 0.00 11.88 19.81
CA PHE A 171 -0.39 12.89 18.83
C PHE A 171 -0.43 14.23 19.53
N GLU A 172 -0.49 15.30 18.74
CA GLU A 172 -0.47 16.67 19.25
C GLU A 172 -1.81 17.37 19.01
N PHE A 173 -2.10 18.34 19.88
CA PHE A 173 -3.28 19.20 19.79
C PHE A 173 -2.90 20.54 19.17
N TYR A 174 -3.93 21.23 18.66
CA TYR A 174 -3.78 22.61 18.19
C TYR A 174 -3.02 23.46 19.21
N ASP A 175 -3.33 23.28 20.49
CA ASP A 175 -2.76 24.11 21.56
C ASP A 175 -1.45 23.57 22.12
N THR A 176 -1.00 22.40 21.68
CA THR A 176 0.25 21.84 22.18
C THR A 176 1.23 21.57 21.06
N TYR A 177 0.97 22.08 19.85
CA TYR A 177 1.81 21.81 18.69
C TYR A 177 3.25 22.22 18.97
N SER A 178 4.20 21.40 18.49
CA SER A 178 5.59 21.50 18.94
C SER A 178 6.24 22.81 18.53
N TYR A 179 6.02 23.28 17.30
CA TYR A 179 6.70 24.51 16.89
C TYR A 179 6.15 25.74 17.58
N LYS A 180 5.01 25.65 18.25
CA LYS A 180 4.58 26.81 19.00
C LYS A 180 5.56 27.16 20.12
N GLN A 181 6.41 26.23 20.53
CA GLN A 181 7.42 26.51 21.54
C GLN A 181 8.74 26.97 20.96
N LYS A 182 9.09 26.50 19.77
CA LYS A 182 10.33 26.93 19.13
C LYS A 182 10.26 28.36 18.65
N PHE A 183 9.05 28.86 18.43
CA PHE A 183 8.88 30.24 18.03
C PHE A 183 7.87 30.88 18.96
N VAL A 184 8.14 30.80 20.26
CA VAL A 184 7.22 31.36 21.24
C VAL A 184 7.10 32.86 21.04
N ASP A 185 5.89 33.37 21.19
CA ASP A 185 5.63 34.80 21.00
C ASP A 185 5.63 35.20 19.53
N SER A 186 5.99 34.27 18.65
CA SER A 186 6.08 34.61 17.24
C SER A 186 5.37 33.62 16.32
N PHE A 187 5.01 32.46 16.83
CA PHE A 187 4.39 31.44 15.99
C PHE A 187 3.15 31.95 15.27
N ASP A 188 2.23 32.57 16.01
CA ASP A 188 1.01 33.02 15.36
C ASP A 188 1.32 33.99 14.23
N LYS A 189 2.23 34.94 14.46
CA LYS A 189 2.59 35.91 13.42
C LYS A 189 3.18 35.23 12.19
N ILE A 190 4.09 34.26 12.41
CA ILE A 190 4.70 33.52 11.31
C ILE A 190 3.66 32.74 10.52
N SER A 191 2.82 31.98 11.21
CA SER A 191 1.90 31.10 10.49
C SER A 191 0.80 31.93 9.79
N GLN A 192 0.43 33.08 10.36
CA GLN A 192 -0.59 33.91 9.73
C GLN A 192 -0.07 34.55 8.45
N GLU A 193 1.20 34.95 8.44
CA GLU A 193 1.79 35.49 7.21
C GLU A 193 1.83 34.44 6.11
N ILE A 194 2.30 33.23 6.44
CA ILE A 194 2.29 32.13 5.48
C ILE A 194 0.86 31.84 5.02
N GLU A 195 -0.07 31.75 5.97
CA GLU A 195 -1.47 31.51 5.62
C GLU A 195 -1.97 32.58 4.66
N LYS A 196 -1.67 33.84 4.94
CA LYS A 196 -2.12 34.91 4.05
C LYS A 196 -1.63 34.68 2.62
N ALA A 197 -0.37 34.31 2.46
CA ALA A 197 0.20 34.10 1.12
C ALA A 197 -0.41 32.88 0.43
N ILE A 198 -0.55 31.77 1.15
CA ILE A 198 -1.08 30.56 0.52
C ILE A 198 -2.53 30.77 0.09
N LYS A 199 -3.30 31.50 0.90
CA LYS A 199 -4.64 31.88 0.51
C LYS A 199 -4.66 32.86 -0.65
N ASP A 200 -3.54 33.54 -0.91
CA ASP A 200 -3.43 34.45 -2.05
C ASP A 200 -2.87 33.75 -3.29
N ASP A 201 -2.92 32.41 -3.31
CA ASP A 201 -2.46 31.59 -4.44
C ASP A 201 -0.96 31.72 -4.68
N LYS A 202 -0.19 32.05 -3.65
CA LYS A 202 1.26 32.11 -3.78
C LYS A 202 1.92 30.76 -3.55
N GLY A 203 1.14 29.71 -3.27
CA GLY A 203 1.69 28.38 -3.05
C GLY A 203 2.74 27.96 -4.06
N GLU A 204 2.36 27.93 -5.33
CA GLU A 204 3.30 27.52 -6.39
C GLU A 204 4.55 28.39 -6.41
N ASP A 205 4.39 29.71 -6.31
CA ASP A 205 5.58 30.56 -6.22
C ASP A 205 6.42 30.21 -4.99
N PHE A 206 5.77 30.02 -3.84
CA PHE A 206 6.51 29.69 -2.62
C PHE A 206 7.34 28.42 -2.79
N VAL A 207 6.72 27.37 -3.31
CA VAL A 207 7.41 26.09 -3.45
C VAL A 207 8.59 26.21 -4.41
N LYS A 208 8.40 26.90 -5.54
CA LYS A 208 9.51 27.16 -6.45
C LYS A 208 10.68 27.80 -5.71
N TRP A 209 10.40 28.84 -4.94
CA TRP A 209 11.48 29.51 -4.20
C TRP A 209 12.10 28.59 -3.16
N LEU A 210 11.28 27.77 -2.48
CA LEU A 210 11.84 26.86 -1.49
C LEU A 210 12.82 25.89 -2.15
N GLU A 211 12.48 25.40 -3.33
CA GLU A 211 13.39 24.51 -4.06
C GLU A 211 14.66 25.25 -4.49
N ASP A 212 14.51 26.46 -5.02
CA ASP A 212 15.62 27.27 -5.50
C ASP A 212 15.31 28.73 -5.23
N PRO A 213 16.11 29.43 -4.42
CA PRO A 213 17.40 29.04 -3.84
C PRO A 213 17.39 28.49 -2.42
N PHE A 214 16.24 28.45 -1.72
CA PHE A 214 16.27 28.21 -0.27
C PHE A 214 16.93 26.88 0.07
N ARG A 215 16.53 25.80 -0.62
CA ARG A 215 17.11 24.49 -0.34
C ARG A 215 18.55 24.38 -0.83
N LYS A 216 18.96 25.21 -1.81
CA LYS A 216 20.36 25.25 -2.21
C LYS A 216 21.23 25.84 -1.12
N ILE A 217 20.74 26.85 -0.40
CA ILE A 217 21.53 27.53 0.61
C ILE A 217 21.54 26.77 1.92
N PHE A 218 20.41 26.20 2.33
CA PHE A 218 20.27 25.70 3.70
C PHE A 218 20.19 24.18 3.82
N LYS A 219 20.35 23.44 2.72
CA LYS A 219 20.27 21.99 2.73
C LYS A 219 21.51 21.40 2.06
N GLY A 220 22.42 20.88 2.88
CA GLY A 220 23.63 20.23 2.38
C GLY A 220 24.02 19.06 3.25
N GLU A 221 25.26 19.05 3.74
CA GLU A 221 25.72 17.98 4.62
C GLU A 221 24.89 17.96 5.90
N ASN A 222 24.96 16.83 6.60
CA ASN A 222 24.24 16.73 7.86
C ASN A 222 24.81 17.72 8.87
N LYS A 223 23.92 18.37 9.62
CA LYS A 223 24.28 19.42 10.58
C LYS A 223 24.97 20.61 9.93
N LEU A 224 24.71 20.83 8.63
CA LEU A 224 25.29 21.97 7.93
C LEU A 224 24.99 23.28 8.65
N LEU A 225 23.79 23.40 9.21
CA LEU A 225 23.31 24.62 9.84
C LEU A 225 23.65 24.69 11.32
N GLU A 226 24.40 23.73 11.84
CA GLU A 226 24.80 23.73 13.23
C GLU A 226 26.32 23.78 13.40
N LYS A 227 27.08 23.82 12.32
CA LYS A 227 28.53 23.98 12.35
C LYS A 227 28.90 25.18 11.50
N THR A 228 29.48 26.22 12.14
CA THR A 228 29.74 27.46 11.43
C THR A 228 30.75 27.27 10.30
N ALA A 229 31.75 26.40 10.50
CA ALA A 229 32.74 26.18 9.45
C ALA A 229 32.13 25.47 8.26
N LYS A 230 31.28 24.47 8.49
CA LYS A 230 30.59 23.80 7.38
C LYS A 230 29.69 24.76 6.63
N PHE A 231 29.03 25.67 7.36
CA PHE A 231 28.09 26.58 6.71
C PHE A 231 28.82 27.68 5.96
N LYS A 232 29.86 28.26 6.58
CA LYS A 232 30.59 29.34 5.93
C LYS A 232 31.36 28.83 4.72
N LYS A 233 31.93 27.63 4.80
CA LYS A 233 32.55 27.01 3.64
C LYS A 233 31.53 26.84 2.52
N HIS A 234 30.38 26.22 2.85
CA HIS A 234 29.29 26.05 1.91
C HIS A 234 28.91 27.37 1.22
N ILE A 235 28.85 28.46 1.98
CA ILE A 235 28.46 29.75 1.42
C ILE A 235 29.55 30.30 0.50
N GLU A 236 30.82 30.16 0.90
CA GLU A 236 31.91 30.61 0.04
C GLU A 236 31.92 29.85 -1.29
N LYS A 237 31.58 28.56 -1.26
CA LYS A 237 31.47 27.79 -2.49
C LYS A 237 30.36 28.35 -3.38
N LEU A 238 29.19 28.57 -2.80
CA LEU A 238 28.06 29.11 -3.58
C LEU A 238 28.38 30.51 -4.10
N LEU A 239 29.04 31.35 -3.29
CA LEU A 239 29.36 32.71 -3.71
C LEU A 239 30.22 32.73 -4.98
N LYS A 240 31.16 31.78 -5.09
CA LYS A 240 32.06 31.77 -6.23
C LYS A 240 31.31 31.53 -7.53
N ASP A 241 30.24 30.74 -7.50
CA ASP A 241 29.40 30.59 -8.68
C ASP A 241 28.63 31.88 -8.95
N SER A 244 23.00 31.29 -11.65
CA SER A 244 24.28 31.40 -10.96
C SER A 244 24.11 31.14 -9.47
N SER A 245 24.72 32.01 -8.67
CA SER A 245 24.77 31.80 -7.23
C SER A 245 23.37 31.84 -6.63
N PRO A 246 22.99 30.85 -5.81
CA PRO A 246 21.71 30.95 -5.11
C PRO A 246 21.69 32.10 -4.11
N ILE A 247 22.85 32.60 -3.72
CA ILE A 247 22.88 33.75 -2.82
C ILE A 247 22.45 35.00 -3.56
N VAL A 248 22.90 35.17 -4.81
CA VAL A 248 22.44 36.29 -5.62
C VAL A 248 20.93 36.19 -5.84
N LYS A 249 20.43 35.00 -6.21
CA LYS A 249 19.01 34.85 -6.43
C LYS A 249 18.22 35.15 -5.15
N PHE A 250 18.72 34.69 -4.00
CA PHE A 250 18.07 35.01 -2.72
C PHE A 250 17.97 36.52 -2.55
N ASN A 251 19.09 37.23 -2.71
CA ASN A 251 19.13 38.66 -2.45
C ASN A 251 18.39 39.47 -3.51
N GLU A 252 18.40 39.02 -4.76
CA GLU A 252 17.90 39.84 -5.84
C GLU A 252 16.58 39.37 -6.44
N LYS A 253 16.20 38.11 -6.25
CA LYS A 253 15.01 37.59 -6.94
C LYS A 253 13.98 37.04 -5.96
N THR A 254 13.98 37.51 -4.74
CA THR A 254 12.99 37.01 -3.81
C THR A 254 11.76 37.88 -3.84
N PRO A 255 10.58 37.30 -4.07
CA PRO A 255 9.35 38.09 -4.16
C PRO A 255 9.01 38.75 -2.83
N GLN A 256 8.21 39.83 -2.94
CA GLN A 256 7.84 40.61 -1.77
C GLN A 256 7.13 39.75 -0.71
N PHE A 257 6.24 38.85 -1.14
CA PHE A 257 5.52 38.04 -0.14
C PHE A 257 6.44 37.11 0.64
N ILE A 258 7.59 36.73 0.07
CA ILE A 258 8.50 35.85 0.79
C ILE A 258 9.37 36.66 1.74
N TRP A 259 9.78 37.86 1.32
CA TRP A 259 10.38 38.79 2.28
C TRP A 259 9.44 39.01 3.47
N ASP A 260 8.14 39.16 3.21
CA ASP A 260 7.20 39.36 4.30
C ASP A 260 7.12 38.12 5.19
N ILE A 261 7.22 36.93 4.62
CA ILE A 261 7.28 35.74 5.47
C ILE A 261 8.57 35.71 6.27
N LEU A 262 9.71 35.93 5.61
CA LEU A 262 10.99 35.88 6.32
C LEU A 262 11.01 36.92 7.45
N ASN A 263 10.53 38.13 7.16
CA ASN A 263 10.50 39.20 8.13
C ASN A 263 9.45 39.01 9.22
N ALA A 264 8.62 37.98 9.15
CA ALA A 264 7.68 37.69 10.23
C ALA A 264 8.34 36.91 11.37
N PHE A 265 9.53 36.34 11.15
CA PHE A 265 10.22 35.65 12.21
C PHE A 265 10.84 36.65 13.18
N PRO A 266 11.09 36.23 14.43
CA PRO A 266 11.84 37.09 15.35
C PRO A 266 13.21 37.43 14.80
N GLU A 267 13.73 38.59 15.21
CA GLU A 267 15.00 39.07 14.66
C GLU A 267 16.12 38.06 14.87
N GLY A 268 16.19 37.43 16.06
CA GLY A 268 17.18 36.41 16.33
C GLY A 268 16.89 35.05 15.73
N LYS A 269 15.87 34.94 14.88
CA LYS A 269 15.55 33.71 14.17
C LYS A 269 15.39 33.96 12.68
N LYS A 270 15.88 35.09 12.18
CA LYS A 270 15.72 35.45 10.78
C LYS A 270 16.84 34.85 9.95
N LEU A 271 16.47 34.39 8.75
CA LEU A 271 17.45 33.93 7.76
C LEU A 271 18.12 35.08 7.04
N ASN A 272 17.51 36.26 7.08
CA ASN A 272 17.97 37.42 6.37
C ASN A 272 18.52 38.44 7.36
N ASP A 273 19.46 39.23 6.88
CA ASP A 273 19.99 40.39 7.62
C ASP A 273 19.57 41.60 6.81
N GLY A 274 18.44 42.20 7.17
CA GLY A 274 17.85 43.20 6.30
C GLY A 274 17.29 42.54 5.05
N GLN A 275 17.54 43.16 3.90
CA GLN A 275 17.09 42.60 2.63
C GLN A 275 18.17 41.76 1.94
N LYS A 276 19.00 41.08 2.73
CA LYS A 276 20.06 40.22 2.22
C LYS A 276 20.17 38.97 3.09
N LEU A 277 20.82 37.95 2.55
CA LEU A 277 21.05 36.71 3.28
C LEU A 277 21.98 36.98 4.47
N TRP A 278 21.62 36.47 5.64
CA TRP A 278 22.50 36.61 6.78
C TRP A 278 23.65 35.63 6.63
N ILE A 279 24.87 36.14 6.66
CA ILE A 279 26.08 35.32 6.60
C ILE A 279 26.77 35.39 7.95
N PRO A 280 26.93 34.24 8.64
CA PRO A 280 27.54 34.28 9.97
C PRO A 280 28.99 34.78 9.92
N ASP A 281 29.31 35.68 10.84
CA ASP A 281 30.67 36.17 10.99
C ASP A 281 31.53 35.13 11.72
N ASP A 282 32.82 35.42 11.85
CA ASP A 282 33.73 34.51 12.54
C ASP A 282 33.45 34.43 14.04
N LYS A 283 32.83 35.47 14.61
CA LYS A 283 32.49 35.45 16.03
C LYS A 283 31.31 34.55 16.33
N ILE A 284 30.63 34.04 15.30
CA ILE A 284 29.43 33.22 15.50
C ILE A 284 29.85 31.79 15.84
N THR A 285 29.45 31.34 17.02
CA THR A 285 29.71 29.99 17.50
C THR A 285 28.71 29.02 16.86
N ASN A 286 29.02 27.71 16.98
CA ASN A 286 28.08 26.71 16.50
C ASN A 286 26.71 26.90 17.14
N ASP A 287 26.68 27.19 18.45
CA ASP A 287 25.41 27.40 19.13
C ASP A 287 24.67 28.64 18.61
N ASN A 288 25.38 29.75 18.42
CA ASN A 288 24.75 30.93 17.85
C ASN A 288 24.12 30.61 16.50
N LEU A 289 24.87 29.92 15.63
CA LEU A 289 24.37 29.62 14.31
C LEU A 289 23.11 28.75 14.37
N SER A 290 23.14 27.70 15.18
CA SER A 290 22.02 26.79 15.28
C SER A 290 20.78 27.48 15.86
N SER A 291 20.99 28.31 16.88
CA SER A 291 19.87 28.98 17.54
C SER A 291 19.18 29.95 16.62
N ARG A 292 19.91 30.55 15.67
CA ARG A 292 19.29 31.51 14.77
C ARG A 292 18.51 30.84 13.65
N VAL A 293 18.99 29.70 13.14
CA VAL A 293 18.62 29.25 11.80
C VAL A 293 17.94 27.87 11.81
N LYS A 294 18.33 27.02 12.75
CA LYS A 294 17.94 25.61 12.65
C LYS A 294 16.42 25.44 12.66
N ASP A 295 15.75 26.00 13.67
CA ASP A 295 14.30 25.84 13.74
C ASP A 295 13.59 26.56 12.59
N THR A 296 14.07 27.74 12.22
CA THR A 296 13.47 28.46 11.10
C THR A 296 13.55 27.64 9.82
N VAL A 297 14.68 26.99 9.58
CA VAL A 297 14.85 26.28 8.30
C VAL A 297 13.96 25.05 8.27
N GLU A 298 13.94 24.28 9.36
CA GLU A 298 13.10 23.08 9.37
C GLU A 298 11.63 23.43 9.25
N PHE A 299 11.21 24.58 9.76
CA PHE A 299 9.82 24.96 9.59
C PHE A 299 9.51 25.32 8.15
N LEU A 300 10.33 26.16 7.56
CA LEU A 300 10.07 26.61 6.21
C LEU A 300 10.25 25.52 5.17
N ASN A 301 11.03 24.50 5.50
CA ASN A 301 11.30 23.43 4.56
C ASN A 301 10.19 22.39 4.43
N GLY A 302 9.10 22.57 5.18
CA GLY A 302 8.02 21.60 5.14
C GLY A 302 7.07 21.46 6.31
N LYS A 303 7.53 21.77 7.51
CA LYS A 303 6.69 21.60 8.68
C LYS A 303 5.53 22.58 8.64
N TRP A 304 5.76 23.75 8.09
CA TRP A 304 4.71 24.77 8.05
C TRP A 304 3.46 24.22 7.37
N PHE A 305 3.65 23.43 6.33
CA PHE A 305 2.52 22.86 5.61
C PHE A 305 1.65 22.03 6.54
N GLU A 306 2.28 21.22 7.38
CA GLU A 306 1.52 20.44 8.34
C GLU A 306 0.60 21.33 9.15
N TRP A 307 1.16 22.39 9.77
CA TRP A 307 0.34 23.28 10.57
C TRP A 307 -0.70 24.00 9.72
N TYR A 308 -0.32 24.42 8.50
CA TYR A 308 -1.26 25.15 7.64
C TYR A 308 -2.51 24.31 7.37
N VAL A 309 -2.34 23.11 6.82
CA VAL A 309 -3.50 22.25 6.53
C VAL A 309 -4.30 21.98 7.79
N TYR A 310 -3.60 21.61 8.87
CA TYR A 310 -4.31 21.34 10.11
C TYR A 310 -5.13 22.55 10.55
N SER A 311 -4.57 23.77 10.42
CA SER A 311 -5.29 24.95 10.88
C SER A 311 -6.48 25.28 9.98
N GLN A 312 -6.44 24.87 8.71
CA GLN A 312 -7.55 25.15 7.79
C GLN A 312 -8.76 24.25 8.00
N ILE A 313 -8.62 23.15 8.73
CA ILE A 313 -9.76 22.25 8.94
C ILE A 313 -10.29 22.26 10.36
N LYS A 314 -9.58 22.86 11.33
CA LYS A 314 -9.94 22.69 12.73
C LYS A 314 -11.32 23.28 13.04
N SER A 315 -11.61 24.48 12.53
CA SER A 315 -12.92 25.09 12.80
C SER A 315 -14.04 24.28 12.14
N GLU A 316 -13.78 23.77 10.93
CA GLU A 316 -14.76 22.96 10.22
C GLU A 316 -15.07 21.69 10.99
N LEU A 317 -14.07 21.09 11.62
CA LEU A 317 -14.29 19.86 12.37
C LEU A 317 -15.08 20.13 13.65
N LEU A 318 -14.71 21.17 14.41
CA LEU A 318 -15.48 21.53 15.60
C LEU A 318 -16.91 21.87 15.24
N ASP A 319 -17.12 22.58 14.12
CA ASP A 319 -18.48 22.94 13.71
C ASP A 319 -19.33 21.70 13.45
N ARG A 320 -18.70 20.60 13.05
CA ARG A 320 -19.36 19.31 12.90
C ARG A 320 -19.33 18.50 14.19
N LYS A 321 -18.97 19.12 15.31
CA LYS A 321 -19.02 18.51 16.63
C LYS A 321 -18.05 17.34 16.79
N LEU A 322 -17.03 17.24 15.94
CA LEU A 322 -15.91 16.34 16.25
C LEU A 322 -15.09 16.90 17.41
N LYS A 323 -14.50 16.00 18.20
CA LYS A 323 -13.75 16.37 19.39
C LYS A 323 -12.26 16.18 19.12
N GLU A 324 -11.49 17.28 19.23
CA GLU A 324 -10.05 17.16 19.05
C GLU A 324 -9.48 16.13 20.02
N GLY A 325 -8.51 15.35 19.54
CA GLY A 325 -7.90 14.32 20.36
C GLY A 325 -8.63 13.00 20.33
N GLU A 326 -9.97 13.03 20.21
CA GLU A 326 -10.76 11.84 20.00
C GLU A 326 -10.96 11.55 18.51
N HIS A 327 -11.38 12.56 17.73
CA HIS A 327 -11.75 12.35 16.34
C HIS A 327 -10.83 13.02 15.32
N PHE A 328 -9.84 13.79 15.77
CA PHE A 328 -8.87 14.37 14.85
C PHE A 328 -7.68 14.88 15.65
N GLY A 329 -6.56 15.03 14.96
CA GLY A 329 -5.32 15.40 15.63
C GLY A 329 -4.19 15.39 14.63
N ILE A 330 -3.03 15.85 15.08
CA ILE A 330 -1.88 16.02 14.21
C ILE A 330 -0.72 15.20 14.76
N SER A 331 0.10 14.67 13.85
CA SER A 331 1.31 13.92 14.20
C SER A 331 0.98 12.68 15.04
N LEU A 332 0.14 11.82 14.47
CA LEU A 332 -0.19 10.53 15.09
C LEU A 332 0.99 9.57 14.97
N LYS A 333 1.33 8.90 16.07
CA LYS A 333 2.32 7.82 16.08
C LYS A 333 1.81 6.70 16.97
N ALA A 334 2.18 5.47 16.62
CA ALA A 334 1.83 4.33 17.44
C ALA A 334 2.62 3.15 16.91
N GLN A 335 2.47 2.00 17.55
CA GLN A 335 3.22 0.83 17.13
C GLN A 335 2.56 -0.44 17.53
N LYS A 336 2.94 -1.52 16.88
CA LYS A 336 2.47 -2.81 17.31
C LYS A 336 3.53 -3.25 18.29
N LYS A 337 3.22 -4.18 19.17
CA LYS A 337 4.18 -4.56 20.20
C LYS A 337 5.52 -4.96 19.61
N ASP A 338 6.59 -4.43 20.17
CA ASP A 338 7.94 -4.78 19.71
C ASP A 338 8.12 -4.53 18.22
N SER A 339 7.49 -3.48 17.71
CA SER A 339 7.56 -3.19 16.29
C SER A 339 7.79 -1.69 16.06
N PRO A 340 8.40 -1.34 14.91
CA PRO A 340 8.67 0.08 14.65
C PRO A 340 7.40 0.93 14.61
N TYR A 341 7.56 2.19 15.01
CA TYR A 341 6.44 3.12 14.99
C TYR A 341 6.17 3.59 13.57
N PHE A 342 4.91 3.97 13.33
CA PHE A 342 4.54 4.70 12.13
C PHE A 342 4.33 6.16 12.50
N ALA A 343 4.28 7.02 11.49
CA ALA A 343 4.00 8.44 11.65
C ALA A 343 2.97 8.86 10.62
N LEU A 344 1.88 9.49 11.07
CA LEU A 344 0.83 9.94 10.18
C LEU A 344 0.56 11.42 10.46
N ASP A 345 0.59 12.24 9.39
CA ASP A 345 0.62 13.70 9.57
C ASP A 345 -0.65 14.21 10.25
N ILE A 346 -1.81 13.84 9.73
CA ILE A 346 -3.09 14.24 10.28
C ILE A 346 -4.01 13.03 10.25
N PHE A 347 -4.80 12.86 11.29
CA PHE A 347 -5.88 11.89 11.23
C PHE A 347 -7.20 12.59 11.52
N LEU A 348 -8.25 12.00 10.99
CA LEU A 348 -9.61 12.48 11.08
C LEU A 348 -10.50 11.25 11.10
N ILE A 349 -11.58 11.29 11.88
CA ILE A 349 -12.52 10.18 11.92
C ILE A 349 -13.94 10.67 11.72
N ASN A 350 -14.55 10.30 10.61
CA ASN A 350 -15.95 10.67 10.36
C ASN A 350 -16.79 9.46 10.70
N GLY A 351 -17.52 9.53 11.80
CA GLY A 351 -18.30 8.39 12.24
C GLY A 351 -17.36 7.29 12.66
N TYR A 352 -17.24 6.26 11.83
CA TYR A 352 -16.28 5.21 12.12
C TYR A 352 -15.33 4.99 10.96
N GLN A 353 -15.32 5.89 9.98
CA GLN A 353 -14.33 5.78 8.92
C GLN A 353 -13.11 6.61 9.30
N LEU A 354 -11.95 5.97 9.33
CA LEU A 354 -10.70 6.69 9.50
C LEU A 354 -10.32 7.37 8.19
N ILE A 355 -9.93 8.65 8.27
CA ILE A 355 -9.27 9.34 7.17
C ILE A 355 -7.87 9.70 7.63
N GLY A 356 -6.86 9.18 6.94
CA GLY A 356 -5.47 9.56 7.21
C GLY A 356 -5.00 10.49 6.12
N ILE A 357 -4.35 11.57 6.53
CA ILE A 357 -3.90 12.60 5.60
C ILE A 357 -2.38 12.71 5.68
N SER A 358 -1.72 12.46 4.56
CA SER A 358 -0.27 12.59 4.43
C SER A 358 0.03 13.85 3.62
N LEU A 359 0.91 14.69 4.15
CA LEU A 359 1.18 16.01 3.57
C LEU A 359 2.58 16.09 2.98
N THR A 360 2.73 16.79 1.86
CA THR A 360 4.06 17.12 1.39
C THR A 360 4.01 18.33 0.46
N THR A 361 5.01 19.19 0.56
CA THR A 361 5.19 20.31 -0.37
C THR A 361 5.88 19.88 -1.65
N SER A 362 6.35 18.64 -1.74
CA SER A 362 7.07 18.19 -2.92
C SER A 362 6.17 18.23 -4.16
N SER A 363 6.79 18.55 -5.30
CA SER A 363 6.13 18.55 -6.60
C SER A 363 6.64 17.47 -7.53
N THR A 364 7.52 16.58 -7.05
CA THR A 364 8.11 15.52 -7.88
C THR A 364 7.22 14.28 -7.91
N ARG A 365 6.96 13.75 -9.11
CA ARG A 365 6.09 12.58 -9.25
C ARG A 365 6.57 11.42 -8.39
N GLU A 366 7.86 11.08 -8.50
CA GLU A 366 8.34 9.85 -7.86
C GLU A 366 8.18 9.92 -6.35
N LEU A 367 8.54 11.04 -5.73
CA LEU A 367 8.39 11.15 -4.29
C LEU A 367 6.92 11.13 -3.88
N CYS A 368 6.07 11.84 -4.61
CA CYS A 368 4.66 11.87 -4.22
C CYS A 368 4.02 10.50 -4.38
N LYS A 369 4.48 9.71 -5.36
CA LYS A 369 3.95 8.37 -5.55
C LYS A 369 4.30 7.47 -4.36
N LEU A 370 5.55 7.53 -3.91
CA LEU A 370 5.95 6.73 -2.76
C LEU A 370 5.14 7.10 -1.53
N LYS A 371 4.92 8.40 -1.29
CA LYS A 371 4.11 8.81 -0.15
C LYS A 371 2.67 8.36 -0.31
N GLY A 372 2.20 8.22 -1.55
CA GLY A 372 0.88 7.66 -1.80
C GLY A 372 0.77 6.22 -1.36
N PHE A 373 1.73 5.38 -1.78
CA PHE A 373 1.75 4.00 -1.31
C PHE A 373 1.74 3.93 0.21
N GLU A 374 2.48 4.85 0.85
CA GLU A 374 2.66 4.77 2.29
C GLU A 374 1.37 5.07 3.04
N VAL A 375 0.65 6.14 2.65
CA VAL A 375 -0.56 6.49 3.40
C VAL A 375 -1.67 5.47 3.14
N ILE A 376 -1.70 4.89 1.94
CA ILE A 376 -2.64 3.80 1.65
C ILE A 376 -2.42 2.64 2.62
N HIS A 377 -1.17 2.19 2.76
CA HIS A 377 -0.90 1.03 3.61
C HIS A 377 -1.16 1.35 5.08
N ARG A 378 -0.71 2.53 5.52
CA ARG A 378 -0.85 2.90 6.93
C ARG A 378 -2.30 2.93 7.36
N VAL A 379 -3.18 3.57 6.58
CA VAL A 379 -4.55 3.68 7.07
C VAL A 379 -5.22 2.31 7.03
N ARG A 380 -4.75 1.42 6.14
CA ARG A 380 -5.21 0.05 6.14
C ARG A 380 -4.78 -0.67 7.42
N GLN A 381 -3.51 -0.52 7.82
CA GLN A 381 -3.00 -1.19 9.01
C GLN A 381 -3.75 -0.77 10.27
N ILE A 382 -4.00 0.52 10.44
CA ILE A 382 -4.47 1.01 11.72
C ILE A 382 -5.98 1.24 11.76
N GLY A 383 -6.65 1.30 10.62
CA GLY A 383 -8.07 1.57 10.62
C GLY A 383 -8.87 0.51 9.89
N GLY A 384 -8.19 -0.48 9.30
CA GLY A 384 -8.85 -1.54 8.56
C GLY A 384 -9.04 -1.22 7.08
N ASP A 385 -9.75 -2.12 6.40
CA ASP A 385 -9.85 -2.17 4.95
C ASP A 385 -10.77 -1.12 4.33
N GLU A 386 -11.57 -0.41 5.12
CA GLU A 386 -12.48 0.57 4.56
C GLU A 386 -12.07 2.01 4.89
N SER A 387 -10.84 2.20 5.35
CA SER A 387 -10.31 3.52 5.66
C SER A 387 -10.03 4.29 4.38
N LYS A 388 -9.96 5.60 4.51
CA LYS A 388 -9.66 6.47 3.39
C LYS A 388 -8.31 7.14 3.62
N ALA A 389 -7.53 7.24 2.54
CA ALA A 389 -6.22 7.88 2.57
C ALA A 389 -6.24 9.09 1.65
N ILE A 390 -5.85 10.25 2.18
CA ILE A 390 -5.72 11.47 1.40
C ILE A 390 -4.26 11.86 1.38
N LEU A 391 -3.75 12.12 0.20
CA LEU A 391 -2.39 12.62 0.01
C LEU A 391 -2.46 14.04 -0.54
N ILE A 392 -1.90 14.99 0.20
CA ILE A 392 -1.86 16.39 -0.25
C ILE A 392 -0.43 16.72 -0.64
N THR A 393 -0.23 17.10 -1.91
CA THR A 393 1.08 17.29 -2.51
C THR A 393 1.23 18.73 -2.99
N GLY A 394 2.39 19.01 -3.57
CA GLY A 394 2.61 20.28 -4.23
C GLY A 394 2.57 20.16 -5.74
N MET A 395 2.01 19.06 -6.28
CA MET A 395 2.02 18.85 -7.72
C MET A 395 0.89 19.61 -8.42
N ASP A 396 1.06 19.80 -9.72
CA ASP A 396 0.00 20.41 -10.52
C ASP A 396 -1.18 19.44 -10.67
N LYS A 397 -2.27 19.97 -11.25
CA LYS A 397 -3.51 19.21 -11.35
C LYS A 397 -3.33 17.93 -12.17
N SER A 398 -2.57 18.00 -13.26
CA SER A 398 -2.40 16.85 -14.13
C SER A 398 -1.68 15.73 -13.41
N LYS A 399 -0.61 16.06 -12.68
CA LYS A 399 0.12 15.03 -11.95
C LYS A 399 -0.71 14.51 -10.76
N THR A 400 -1.56 15.37 -10.18
CA THR A 400 -2.41 14.93 -9.09
C THR A 400 -3.48 13.94 -9.59
N GLU A 401 -4.09 14.25 -10.74
CA GLU A 401 -5.05 13.33 -11.32
C GLU A 401 -4.40 12.02 -11.76
N ASP A 402 -3.22 12.10 -12.38
CA ASP A 402 -2.49 10.89 -12.76
C ASP A 402 -2.28 9.99 -11.55
N LEU A 403 -1.84 10.57 -10.43
CA LEU A 403 -1.45 9.77 -9.27
C LEU A 403 -2.65 9.06 -8.65
N GLN A 404 -3.82 9.72 -8.59
CA GLN A 404 -5.04 9.05 -8.11
C GLN A 404 -5.36 7.80 -8.91
N LYS A 405 -5.36 7.93 -10.23
CA LYS A 405 -5.66 6.79 -11.09
C LYS A 405 -4.57 5.74 -11.03
N ASP A 406 -3.31 6.18 -10.87
CA ASP A 406 -2.19 5.26 -10.81
C ASP A 406 -2.34 4.29 -9.63
N LEU A 407 -2.64 4.82 -8.45
CA LEU A 407 -2.69 4.02 -7.23
C LEU A 407 -4.08 3.51 -6.90
N ALA A 408 -5.09 3.86 -7.68
CA ALA A 408 -6.46 3.37 -7.43
C ALA A 408 -6.48 1.85 -7.36
N TYR A 409 -7.26 1.32 -6.42
CA TYR A 409 -7.46 -0.12 -6.25
C TYR A 409 -8.95 -0.40 -6.07
N GLU A 410 -9.46 -1.41 -6.76
CA GLU A 410 -10.89 -1.68 -6.82
C GLU A 410 -11.30 -2.57 -5.65
N THR A 411 -12.17 -2.08 -4.77
CA THR A 411 -12.76 -2.92 -3.73
C THR A 411 -14.28 -3.01 -3.78
N GLY A 412 -14.93 -2.48 -4.82
CA GLY A 412 -16.38 -2.63 -4.95
C GLY A 412 -17.19 -1.38 -4.69
N SER A 413 -16.55 -0.27 -4.33
CA SER A 413 -17.19 1.01 -4.06
C SER A 413 -16.97 1.97 -5.22
N THR A 414 -17.86 2.96 -5.34
CA THR A 414 -17.67 4.00 -6.35
C THR A 414 -16.89 5.19 -5.82
N GLN A 415 -17.00 5.51 -4.53
CA GLN A 415 -16.20 6.57 -3.96
C GLN A 415 -14.78 6.10 -3.75
N LYS A 416 -13.83 6.89 -4.20
CA LYS A 416 -12.43 6.50 -4.12
C LYS A 416 -11.95 6.56 -2.68
N ARG A 417 -11.06 5.65 -2.32
CA ARG A 417 -10.52 5.63 -0.98
C ARG A 417 -9.08 6.08 -0.95
N PHE A 418 -8.56 6.49 -2.11
CA PHE A 418 -7.29 7.20 -2.22
C PHE A 418 -7.53 8.46 -3.04
N VAL A 419 -7.33 9.62 -2.39
CA VAL A 419 -7.62 10.93 -2.96
C VAL A 419 -6.32 11.73 -2.94
N VAL A 420 -6.01 12.45 -4.02
CA VAL A 420 -4.80 13.26 -4.07
C VAL A 420 -5.18 14.72 -4.33
N PHE A 421 -4.61 15.62 -3.54
CA PHE A 421 -4.74 17.05 -3.78
C PHE A 421 -3.37 17.61 -4.16
N GLY A 422 -3.39 18.74 -4.86
CA GLY A 422 -2.18 19.33 -5.39
C GLY A 422 -2.08 20.80 -5.08
N ILE A 423 -1.09 21.45 -5.68
CA ILE A 423 -0.76 22.85 -5.38
C ILE A 423 -1.98 23.75 -5.59
N ASP A 424 -2.81 23.46 -6.58
CA ASP A 424 -3.99 24.28 -6.86
C ASP A 424 -5.05 24.19 -5.76
N ASP A 425 -4.95 23.21 -4.85
CA ASP A 425 -5.94 23.04 -3.81
C ASP A 425 -5.55 23.71 -2.49
N TRP A 426 -4.32 24.24 -2.38
CA TRP A 426 -3.83 24.68 -1.07
C TRP A 426 -4.64 25.86 -0.52
N ALA A 427 -5.00 26.82 -1.37
CA ALA A 427 -5.67 28.01 -0.88
C ALA A 427 -7.02 27.69 -0.25
N ASP A 428 -7.73 26.68 -0.75
CA ASP A 428 -9.02 26.32 -0.17
C ASP A 428 -9.02 24.88 0.34
N ILE A 429 -7.88 24.44 0.89
CA ILE A 429 -7.72 23.03 1.30
C ILE A 429 -8.71 22.68 2.40
N GLY A 430 -9.11 23.66 3.21
CA GLY A 430 -10.09 23.39 4.26
C GLY A 430 -11.41 22.90 3.69
N SER A 431 -12.00 23.67 2.77
CA SER A 431 -13.24 23.22 2.16
C SER A 431 -13.06 21.97 1.29
N LYS A 432 -11.90 21.84 0.64
CA LYS A 432 -11.66 20.64 -0.18
C LYS A 432 -11.72 19.37 0.67
N ILE A 433 -11.09 19.38 1.85
CA ILE A 433 -11.11 18.22 2.71
C ILE A 433 -12.50 17.99 3.28
N CYS A 434 -13.16 19.07 3.69
CA CYS A 434 -14.52 18.99 4.23
C CYS A 434 -15.47 18.32 3.24
N GLU A 435 -15.51 18.81 1.99
CA GLU A 435 -16.38 18.18 1.00
C GLU A 435 -15.98 16.74 0.72
N GLU A 436 -14.68 16.48 0.65
CA GLU A 436 -14.21 15.13 0.35
C GLU A 436 -14.59 14.14 1.46
N VAL A 437 -14.43 14.54 2.71
CA VAL A 437 -14.58 13.61 3.83
C VAL A 437 -16.05 13.44 4.18
N PHE A 438 -16.83 14.52 4.17
CA PHE A 438 -18.19 14.49 4.70
C PHE A 438 -19.25 14.51 3.61
N LYS A 439 -18.87 14.24 2.37
CA LYS A 439 -19.87 14.19 1.30
C LYS A 439 -19.38 13.40 0.08
N GLU B 5 -28.22 -31.67 -18.05
CA GLU B 5 -27.64 -30.33 -17.99
C GLU B 5 -27.11 -30.02 -16.60
N LYS B 6 -25.85 -29.63 -16.52
CA LYS B 6 -25.17 -29.35 -15.26
C LYS B 6 -24.62 -27.93 -15.29
N VAL B 7 -24.88 -27.17 -14.22
CA VAL B 7 -24.57 -25.75 -14.18
C VAL B 7 -23.63 -25.47 -13.03
N LEU B 8 -22.61 -24.67 -13.31
CA LEU B 8 -21.70 -24.15 -12.28
C LEU B 8 -22.03 -22.69 -12.04
N VAL B 9 -22.19 -22.31 -10.77
CA VAL B 9 -22.49 -20.94 -10.40
C VAL B 9 -21.27 -20.35 -9.69
N LEU B 10 -20.81 -19.18 -10.17
CA LEU B 10 -19.70 -18.45 -9.59
C LEU B 10 -20.18 -17.07 -9.14
N ILE B 11 -19.58 -16.56 -8.06
CA ILE B 11 -19.96 -15.26 -7.51
C ILE B 11 -18.83 -14.28 -7.80
N VAL B 12 -19.09 -13.28 -8.63
CA VAL B 12 -18.04 -12.40 -9.11
C VAL B 12 -17.86 -11.25 -8.13
N GLY B 13 -16.85 -11.35 -7.26
CA GLY B 13 -16.40 -10.25 -6.44
C GLY B 13 -15.34 -9.43 -7.16
N THR B 14 -14.52 -8.74 -6.38
CA THR B 14 -13.44 -7.94 -6.95
C THR B 14 -12.12 -8.68 -6.99
N ASN B 15 -12.11 -9.98 -6.69
CA ASN B 15 -10.92 -10.82 -6.85
C ASN B 15 -11.25 -11.87 -7.90
N PRO B 16 -11.00 -11.57 -9.18
CA PRO B 16 -11.31 -12.57 -10.22
C PRO B 16 -10.46 -13.83 -10.13
N LEU B 17 -9.31 -13.79 -9.45
CA LEU B 17 -8.38 -14.92 -9.54
C LEU B 17 -8.98 -16.21 -8.99
N PRO B 18 -9.61 -16.23 -7.80
CA PRO B 18 -10.18 -17.51 -7.34
C PRO B 18 -11.23 -18.06 -8.27
N ASN B 19 -12.03 -17.19 -8.92
CA ASN B 19 -13.03 -17.69 -9.85
C ASN B 19 -12.38 -18.28 -11.09
N TYR B 20 -11.28 -17.70 -11.52
CA TYR B 20 -10.52 -18.27 -12.64
C TYR B 20 -9.97 -19.65 -12.32
N VAL B 21 -9.46 -19.84 -11.11
CA VAL B 21 -8.90 -21.12 -10.73
C VAL B 21 -9.95 -22.21 -10.61
N VAL B 22 -11.05 -21.91 -9.96
CA VAL B 22 -12.12 -22.87 -9.80
C VAL B 22 -12.69 -23.21 -11.15
N GLY B 23 -12.86 -22.21 -11.97
CA GLY B 23 -13.37 -22.41 -13.31
C GLY B 23 -12.47 -23.20 -14.22
N SER B 24 -11.17 -23.02 -14.08
CA SER B 24 -10.22 -23.75 -14.89
C SER B 24 -10.26 -25.19 -14.49
N HIS B 25 -10.44 -25.46 -13.21
CA HIS B 25 -10.45 -26.82 -12.73
C HIS B 25 -11.74 -27.58 -12.99
N LEU B 26 -12.86 -26.88 -13.05
CA LEU B 26 -14.15 -27.54 -13.16
C LEU B 26 -14.92 -27.37 -14.47
N LYS B 27 -14.46 -26.51 -15.35
CA LYS B 27 -15.24 -26.24 -16.56
C LYS B 27 -15.59 -27.46 -17.41
N GLU B 28 -14.67 -28.38 -17.55
CA GLU B 28 -14.93 -29.57 -18.35
C GLU B 28 -16.12 -30.36 -17.83
N LYS B 29 -16.42 -30.24 -16.54
CA LYS B 29 -17.51 -31.01 -15.95
C LYS B 29 -18.88 -30.34 -16.04
N TYR B 30 -18.96 -29.17 -16.65
CA TYR B 30 -20.25 -28.46 -16.66
C TYR B 30 -20.73 -27.94 -18.01
N ASP B 31 -22.04 -27.92 -18.20
CA ASP B 31 -22.63 -27.48 -19.46
C ASP B 31 -23.02 -26.01 -19.46
N LYS B 32 -23.27 -25.42 -18.29
CA LYS B 32 -23.65 -24.02 -18.21
C LYS B 32 -22.95 -23.37 -17.03
N PHE B 33 -22.73 -22.06 -17.15
CA PHE B 33 -22.02 -21.28 -16.15
C PHE B 33 -22.81 -20.00 -15.91
N VAL B 34 -23.20 -19.78 -14.66
CA VAL B 34 -23.90 -18.57 -14.28
C VAL B 34 -22.92 -17.73 -13.46
N LEU B 35 -22.54 -16.57 -14.00
CA LEU B 35 -21.65 -15.64 -13.31
C LEU B 35 -22.53 -14.57 -12.68
N ILE B 36 -22.58 -14.53 -11.35
CA ILE B 36 -23.43 -13.59 -10.63
C ILE B 36 -22.58 -12.40 -10.23
N TYR B 37 -22.94 -11.23 -10.74
CA TYR B 37 -22.13 -10.03 -10.58
C TYR B 37 -23.00 -8.86 -10.13
N SER B 38 -22.34 -7.76 -9.76
CA SER B 38 -23.01 -6.57 -9.24
C SER B 38 -23.20 -5.52 -10.32
N GLU B 39 -24.36 -4.86 -10.29
CA GLU B 39 -24.58 -3.67 -11.11
C GLU B 39 -23.92 -2.44 -10.46
N LYS B 40 -23.68 -1.42 -11.28
CA LYS B 40 -23.17 -0.16 -10.73
C LYS B 40 -24.35 0.67 -10.23
N ASN B 41 -24.31 1.04 -8.95
CA ASN B 41 -25.25 2.01 -8.39
C ASN B 41 -24.48 3.04 -7.59
N ASP B 42 -24.17 4.17 -8.22
CA ASP B 42 -23.35 5.17 -7.57
C ASP B 42 -23.98 5.69 -6.28
N LYS B 43 -25.31 5.66 -6.17
CA LYS B 43 -26.00 6.29 -5.05
C LYS B 43 -26.02 5.44 -3.78
N ILE B 44 -25.68 4.15 -3.89
CA ILE B 44 -25.40 3.32 -2.72
C ILE B 44 -23.91 2.97 -2.67
N ASN B 45 -23.08 3.71 -3.40
CA ASN B 45 -21.63 3.57 -3.35
C ASN B 45 -21.20 2.17 -3.81
N GLN B 46 -21.89 1.65 -4.81
CA GLN B 46 -21.68 0.27 -5.27
C GLN B 46 -21.19 0.28 -6.72
N ASN B 47 -19.93 -0.12 -6.92
CA ASN B 47 -19.41 -0.35 -8.26
C ASN B 47 -19.84 -1.73 -8.75
N SER B 48 -19.73 -1.92 -10.07
CA SER B 48 -20.05 -3.17 -10.74
C SER B 48 -18.80 -4.04 -10.88
N THR B 49 -18.98 -5.36 -10.77
CA THR B 49 -17.93 -6.33 -11.11
C THR B 49 -18.15 -6.93 -12.50
N TYR B 50 -18.99 -6.31 -13.33
CA TYR B 50 -19.25 -6.82 -14.68
C TYR B 50 -17.97 -7.00 -15.48
N ASP B 51 -17.04 -6.04 -15.34
CA ASP B 51 -15.77 -6.10 -16.08
C ASP B 51 -14.97 -7.35 -15.72
N TYR B 52 -15.04 -7.79 -14.45
CA TYR B 52 -14.40 -9.04 -14.09
C TYR B 52 -15.14 -10.23 -14.67
N ALA B 53 -16.46 -10.19 -14.58
CA ALA B 53 -17.27 -11.25 -15.16
C ALA B 53 -16.96 -11.46 -16.65
N LYS B 54 -16.81 -10.36 -17.40
CA LYS B 54 -16.46 -10.49 -18.82
C LYS B 54 -15.11 -11.17 -18.99
N LYS B 55 -14.14 -10.76 -18.17
CA LYS B 55 -12.79 -11.32 -18.28
C LYS B 55 -12.79 -12.81 -17.94
N LEU B 56 -13.59 -13.21 -16.96
CA LEU B 56 -13.73 -14.64 -16.64
C LEU B 56 -14.33 -15.40 -17.82
N LYS B 57 -15.48 -14.93 -18.34
CA LYS B 57 -16.02 -15.58 -19.53
C LYS B 57 -14.96 -15.67 -20.62
N GLU B 58 -14.16 -14.61 -20.77
CA GLU B 58 -13.25 -14.56 -21.91
C GLU B 58 -12.07 -15.52 -21.75
N HIS B 59 -11.40 -15.51 -20.61
CA HIS B 59 -10.22 -16.34 -20.47
C HIS B 59 -10.54 -17.76 -20.09
N LEU B 60 -11.78 -18.03 -19.74
CA LEU B 60 -12.17 -19.40 -19.48
C LEU B 60 -12.87 -19.97 -20.73
N ASN B 61 -12.97 -19.17 -21.79
CA ASN B 61 -13.61 -19.59 -23.04
C ASN B 61 -14.95 -20.27 -22.85
N LEU B 62 -15.87 -19.59 -22.20
CA LEU B 62 -17.17 -20.15 -21.95
C LEU B 62 -18.13 -19.88 -23.11
N ASN B 63 -17.95 -18.76 -23.80
CA ASN B 63 -18.76 -18.46 -24.98
C ASN B 63 -20.25 -18.50 -24.68
N ASP B 64 -21.00 -19.31 -25.44
CA ASP B 64 -22.46 -19.36 -25.32
C ASP B 64 -22.94 -20.11 -24.06
N LYS B 65 -22.07 -20.83 -23.36
CA LYS B 65 -22.45 -21.52 -22.14
C LYS B 65 -22.55 -20.59 -20.95
N CYS B 66 -22.09 -19.35 -21.07
CA CYS B 66 -22.10 -18.42 -19.95
C CYS B 66 -23.42 -17.68 -19.90
N ILE B 67 -24.01 -17.61 -18.69
CA ILE B 67 -25.11 -16.71 -18.39
C ILE B 67 -24.61 -15.69 -17.37
N PHE B 68 -24.80 -14.41 -17.66
CA PHE B 68 -24.50 -13.32 -16.74
C PHE B 68 -25.76 -12.99 -15.95
N LEU B 69 -25.65 -12.88 -14.63
CA LEU B 69 -26.79 -12.59 -13.76
C LEU B 69 -26.49 -11.36 -12.90
N PRO B 70 -27.12 -10.22 -13.16
CA PRO B 70 -26.84 -9.01 -12.37
C PRO B 70 -27.66 -8.89 -11.09
N LEU B 71 -27.01 -8.47 -10.02
CA LEU B 71 -27.69 -8.12 -8.77
C LEU B 71 -27.67 -6.61 -8.59
N SER B 72 -28.83 -6.02 -8.30
CA SER B 72 -28.92 -4.58 -8.17
C SER B 72 -28.28 -4.08 -6.87
N ASP B 73 -28.23 -4.90 -5.83
CA ASP B 73 -27.80 -4.44 -4.50
C ASP B 73 -27.16 -5.61 -3.77
N VAL B 74 -25.83 -5.62 -3.68
CA VAL B 74 -25.15 -6.75 -3.11
C VAL B 74 -24.98 -6.68 -1.59
N SER B 75 -25.72 -5.79 -0.95
CA SER B 75 -25.67 -5.69 0.51
C SER B 75 -27.02 -5.94 1.12
N ASN B 76 -28.03 -6.14 0.29
CA ASN B 76 -29.40 -6.33 0.78
C ASN B 76 -29.97 -7.69 0.41
N SER B 77 -30.18 -8.54 1.41
CA SER B 77 -30.71 -9.88 1.16
C SER B 77 -32.03 -9.86 0.40
N GLU B 78 -32.93 -8.99 0.82
CA GLU B 78 -34.21 -8.89 0.14
C GLU B 78 -34.02 -8.70 -1.35
N LYS B 79 -33.23 -7.69 -1.74
CA LYS B 79 -33.08 -7.43 -3.18
C LYS B 79 -32.28 -8.51 -3.87
N ILE B 80 -31.33 -9.14 -3.17
CA ILE B 80 -30.58 -10.25 -3.75
C ILE B 80 -31.51 -11.40 -4.07
N ILE B 81 -32.32 -11.81 -3.09
CA ILE B 81 -33.27 -12.90 -3.30
C ILE B 81 -34.27 -12.53 -4.39
N ASN B 82 -34.73 -11.27 -4.41
CA ASN B 82 -35.66 -10.83 -5.45
C ASN B 82 -35.04 -10.94 -6.84
N ASP B 83 -33.79 -10.49 -7.00
CA ASP B 83 -33.14 -10.55 -8.30
C ASP B 83 -32.87 -11.99 -8.72
N LEU B 84 -32.52 -12.87 -7.77
CA LEU B 84 -32.29 -14.28 -8.08
C LEU B 84 -33.58 -14.95 -8.55
N ARG B 85 -34.66 -14.75 -7.80
CA ARG B 85 -35.94 -15.36 -8.18
C ARG B 85 -36.36 -14.90 -9.58
N GLU B 86 -36.10 -13.64 -9.89
CA GLU B 86 -36.47 -13.10 -11.19
C GLU B 86 -35.55 -13.62 -12.30
N LYS B 87 -34.24 -13.65 -12.08
CA LYS B 87 -33.30 -13.75 -13.19
C LYS B 87 -32.56 -15.09 -13.29
N PHE B 88 -32.55 -15.91 -12.25
CA PHE B 88 -31.76 -17.13 -12.34
C PHE B 88 -32.39 -18.08 -13.34
N PRO B 89 -31.59 -18.71 -14.22
CA PRO B 89 -32.17 -19.56 -15.27
C PRO B 89 -33.06 -20.65 -14.69
N SER B 90 -34.24 -20.79 -15.26
CA SER B 90 -35.23 -21.74 -14.77
C SER B 90 -35.29 -22.97 -15.69
N GLU B 91 -34.14 -23.62 -15.82
CA GLU B 91 -34.03 -24.81 -16.64
C GLU B 91 -33.94 -26.02 -15.73
N ASP B 92 -34.22 -27.19 -16.32
CA ASP B 92 -34.28 -28.43 -15.54
C ASP B 92 -32.89 -29.04 -15.43
N PHE B 93 -32.02 -28.33 -14.71
CA PHE B 93 -30.68 -28.83 -14.46
C PHE B 93 -30.73 -30.10 -13.62
N VAL B 94 -29.76 -30.98 -13.84
CA VAL B 94 -29.65 -32.19 -13.03
C VAL B 94 -28.62 -32.02 -11.92
N GLU B 95 -27.70 -31.06 -12.05
CA GLU B 95 -26.74 -30.76 -10.99
C GLU B 95 -26.50 -29.27 -10.98
N VAL B 96 -26.54 -28.68 -9.78
CA VAL B 96 -26.22 -27.27 -9.58
C VAL B 96 -25.07 -27.21 -8.60
N HIS B 97 -23.93 -26.69 -9.07
CA HIS B 97 -22.73 -26.53 -8.25
C HIS B 97 -22.48 -25.04 -8.05
N LEU B 98 -22.60 -24.59 -6.80
CA LEU B 98 -22.26 -23.22 -6.45
C LEU B 98 -20.88 -23.22 -5.81
N ASN B 99 -19.95 -22.46 -6.38
CA ASN B 99 -18.71 -22.13 -5.71
C ASN B 99 -18.87 -20.73 -5.12
N TYR B 100 -18.90 -20.64 -3.79
CA TYR B 100 -19.31 -19.40 -3.15
C TYR B 100 -18.11 -18.61 -2.59
N THR B 101 -16.96 -18.71 -3.26
CA THR B 101 -15.76 -18.05 -2.77
C THR B 101 -15.86 -16.54 -2.92
N GLY B 102 -16.41 -16.04 -4.04
CA GLY B 102 -16.38 -14.62 -4.31
C GLY B 102 -17.55 -13.86 -3.67
N GLY B 103 -17.42 -12.52 -3.66
CA GLY B 103 -18.57 -11.66 -3.38
C GLY B 103 -18.72 -11.27 -1.91
N THR B 104 -19.81 -10.54 -1.63
CA THR B 104 -20.11 -10.12 -0.26
C THR B 104 -20.65 -11.29 0.56
N LYS B 105 -20.64 -11.15 1.87
CA LYS B 105 -21.16 -12.21 2.73
C LYS B 105 -22.64 -12.48 2.45
N THR B 106 -23.42 -11.43 2.26
CA THR B 106 -24.86 -11.59 2.02
C THR B 106 -25.13 -12.26 0.67
N MET B 107 -24.31 -11.94 -0.33
CA MET B 107 -24.44 -12.59 -1.62
C MET B 107 -24.25 -14.08 -1.41
N VAL B 108 -23.23 -14.44 -0.64
CA VAL B 108 -22.94 -15.84 -0.45
C VAL B 108 -24.07 -16.57 0.27
N VAL B 109 -24.51 -16.04 1.40
CA VAL B 109 -25.52 -16.74 2.18
C VAL B 109 -26.83 -16.88 1.43
N HIS B 110 -27.25 -15.82 0.77
CA HIS B 110 -28.55 -15.85 0.11
C HIS B 110 -28.55 -16.50 -1.26
N ILE B 111 -27.42 -16.50 -1.94
CA ILE B 111 -27.35 -17.21 -3.20
C ILE B 111 -27.33 -18.69 -2.85
N TYR B 112 -26.55 -19.04 -1.84
CA TYR B 112 -26.46 -20.42 -1.42
C TYR B 112 -27.81 -20.96 -1.00
N ASN B 113 -28.46 -20.26 -0.09
CA ASN B 113 -29.74 -20.74 0.42
C ASN B 113 -30.86 -20.60 -0.61
N PHE B 114 -30.76 -19.64 -1.53
CA PHE B 114 -31.72 -19.60 -2.64
C PHE B 114 -31.61 -20.85 -3.51
N LEU B 115 -30.38 -21.19 -3.91
CA LEU B 115 -30.18 -22.29 -4.85
C LEU B 115 -30.49 -23.62 -4.19
N LYS B 116 -30.04 -23.80 -2.95
CA LYS B 116 -30.33 -25.05 -2.25
C LYS B 116 -31.83 -25.30 -2.19
N GLU B 117 -32.62 -24.24 -1.97
CA GLU B 117 -34.06 -24.38 -1.92
C GLU B 117 -34.65 -24.59 -3.31
N LYS B 118 -34.29 -23.74 -4.28
CA LYS B 118 -34.87 -23.85 -5.61
C LYS B 118 -34.63 -25.24 -6.21
N PHE B 119 -33.54 -25.90 -5.84
CA PHE B 119 -33.20 -27.18 -6.43
C PHE B 119 -33.18 -28.28 -5.37
N LYS B 120 -34.10 -28.20 -4.41
CA LYS B 120 -34.21 -29.21 -3.36
C LYS B 120 -34.63 -30.57 -3.91
N ASN B 121 -35.39 -30.61 -5.01
CA ASN B 121 -35.82 -31.87 -5.62
C ASN B 121 -34.64 -32.82 -5.79
N ASN B 122 -34.74 -34.00 -5.19
CA ASN B 122 -33.60 -34.91 -5.08
C ASN B 122 -33.14 -35.48 -6.42
N LYS B 123 -33.91 -35.29 -7.50
CA LYS B 123 -33.37 -35.54 -8.83
C LYS B 123 -32.18 -34.62 -9.11
N ILE B 124 -32.14 -33.46 -8.45
CA ILE B 124 -31.13 -32.45 -8.67
C ILE B 124 -30.10 -32.54 -7.53
N LYS B 125 -28.84 -32.71 -7.90
CA LYS B 125 -27.75 -32.75 -6.94
C LYS B 125 -27.24 -31.34 -6.65
N PHE B 126 -27.35 -30.90 -5.39
CA PHE B 126 -26.78 -29.62 -4.97
C PHE B 126 -25.41 -29.84 -4.34
N GLU B 127 -24.43 -29.03 -4.76
CA GLU B 127 -23.07 -29.07 -4.25
C GLU B 127 -22.56 -27.66 -4.04
N GLY B 128 -21.90 -27.43 -2.92
CA GLY B 128 -21.24 -26.16 -2.63
C GLY B 128 -19.76 -26.39 -2.42
N SER B 129 -18.95 -25.46 -2.92
CA SER B 129 -17.51 -25.55 -2.74
C SER B 129 -16.95 -24.16 -2.51
N TYR B 130 -15.69 -24.14 -2.05
CA TYR B 130 -15.01 -22.93 -1.60
C TYR B 130 -13.54 -23.13 -1.85
N LEU B 131 -12.90 -22.16 -2.48
CA LEU B 131 -11.46 -22.19 -2.71
C LEU B 131 -10.76 -21.53 -1.53
N ASP B 132 -10.03 -22.33 -0.74
CA ASP B 132 -9.33 -21.87 0.46
C ASP B 132 -8.01 -21.24 0.06
N ALA B 133 -7.88 -19.92 0.33
CA ALA B 133 -6.67 -19.22 -0.06
C ALA B 133 -5.47 -19.62 0.78
N ARG B 134 -5.70 -20.14 1.98
CA ARG B 134 -4.60 -20.40 2.89
C ARG B 134 -3.83 -21.66 2.51
N ASP B 135 -4.53 -22.72 2.11
CA ASP B 135 -3.87 -23.99 1.82
C ASP B 135 -4.10 -24.44 0.37
N TYR B 136 -4.54 -23.53 -0.50
CA TYR B 136 -4.66 -23.76 -1.95
C TYR B 136 -5.50 -25.01 -2.27
N LYS B 137 -6.63 -25.14 -1.60
CA LYS B 137 -7.47 -26.32 -1.72
C LYS B 137 -8.91 -25.94 -2.03
N LEU B 138 -9.53 -26.72 -2.91
CA LEU B 138 -10.95 -26.60 -3.20
C LEU B 138 -11.69 -27.58 -2.30
N VAL B 139 -12.48 -27.04 -1.37
CA VAL B 139 -13.15 -27.83 -0.34
C VAL B 139 -14.64 -27.91 -0.68
N TYR B 140 -15.18 -29.11 -0.58
CA TYR B 140 -16.58 -29.32 -0.89
C TYR B 140 -17.38 -29.43 0.38
N ASP B 141 -18.61 -28.94 0.35
CA ASP B 141 -19.45 -28.99 1.52
C ASP B 141 -19.82 -30.42 1.87
N TYR B 142 -19.53 -30.83 3.10
CA TYR B 142 -19.89 -32.18 3.56
C TYR B 142 -19.23 -33.33 2.80
N SER B 143 -18.22 -33.04 1.98
CA SER B 143 -17.64 -34.12 1.16
C SER B 143 -16.20 -34.41 1.50
N GLU B 144 -15.52 -33.46 2.12
CA GLU B 144 -14.15 -33.70 2.54
C GLU B 144 -13.34 -34.24 1.37
N GLU B 145 -13.67 -33.83 0.16
CA GLU B 145 -12.93 -34.27 -1.00
C GLU B 145 -11.61 -33.55 -0.91
N ALA B 146 -11.66 -32.27 -0.57
CA ALA B 146 -10.43 -31.51 -0.38
C ALA B 146 -9.29 -31.56 -1.38
N ILE B 147 -9.59 -31.32 -2.64
CA ILE B 147 -8.56 -31.32 -3.65
C ILE B 147 -7.62 -30.12 -3.75
N SER B 148 -6.33 -30.36 -3.56
CA SER B 148 -5.35 -29.29 -3.66
C SER B 148 -5.26 -28.84 -5.11
N LEU B 149 -5.34 -27.53 -5.32
CA LEU B 149 -5.19 -26.97 -6.66
C LEU B 149 -3.84 -26.28 -6.82
N LYS B 150 -3.00 -26.27 -5.78
CA LYS B 150 -1.79 -25.46 -5.75
C LYS B 150 -0.90 -25.73 -6.95
N ASP B 151 -0.67 -27.01 -7.27
CA ASP B 151 0.24 -27.42 -8.34
C ASP B 151 -0.46 -27.79 -9.63
N THR B 152 -1.78 -27.81 -9.64
CA THR B 152 -2.53 -28.32 -10.78
C THR B 152 -2.94 -27.20 -11.72
N ILE B 153 -3.38 -26.06 -11.19
CA ILE B 153 -3.88 -24.96 -12.01
C ILE B 153 -2.77 -23.95 -12.19
N LYS B 154 -2.52 -23.61 -13.45
CA LYS B 154 -1.48 -22.71 -13.88
C LYS B 154 -2.12 -21.47 -14.47
N ILE B 155 -1.38 -20.37 -14.44
CA ILE B 155 -1.78 -19.13 -15.06
C ILE B 155 -0.50 -18.45 -15.54
N ASP B 156 -0.57 -17.81 -16.69
CA ASP B 156 0.58 -17.04 -17.15
C ASP B 156 0.34 -15.55 -16.82
N ILE B 157 1.41 -14.76 -16.95
CA ILE B 157 1.35 -13.38 -16.50
C ILE B 157 0.36 -12.58 -17.33
N ASN B 158 0.20 -12.91 -18.61
CA ASN B 158 -0.75 -12.19 -19.47
C ASN B 158 -2.18 -12.42 -19.02
N THR B 159 -2.53 -13.67 -18.73
CA THR B 159 -3.88 -13.94 -18.24
C THR B 159 -4.10 -13.31 -16.88
N LEU B 160 -3.12 -13.42 -15.98
CA LEU B 160 -3.26 -12.84 -14.63
C LEU B 160 -3.52 -11.34 -14.71
N LEU B 161 -2.71 -10.62 -15.50
CA LEU B 161 -2.91 -9.18 -15.57
C LEU B 161 -4.19 -8.85 -16.29
N SER B 162 -4.59 -9.68 -17.25
CA SER B 162 -5.78 -9.38 -18.03
C SER B 162 -7.05 -9.50 -17.19
N ILE B 163 -7.16 -10.57 -16.38
CA ILE B 163 -8.38 -10.69 -15.57
C ILE B 163 -8.44 -9.60 -14.51
N HIS B 164 -7.30 -9.02 -14.13
CA HIS B 164 -7.31 -7.88 -13.22
C HIS B 164 -7.40 -6.55 -13.97
N LEU B 165 -7.75 -6.59 -15.26
CA LEU B 165 -8.13 -5.43 -16.08
C LEU B 165 -6.94 -4.59 -16.52
N TYR B 166 -5.74 -5.16 -16.49
CA TYR B 166 -4.54 -4.48 -17.00
C TYR B 166 -4.33 -4.87 -18.46
N GLU B 167 -3.75 -3.96 -19.23
CA GLU B 167 -3.54 -4.17 -20.66
C GLU B 167 -2.20 -3.57 -21.06
N ASP B 168 -1.85 -3.78 -22.34
CA ASP B 168 -0.58 -3.36 -22.91
C ASP B 168 0.60 -3.88 -22.10
N ILE B 169 0.64 -5.20 -21.93
CA ILE B 169 1.60 -5.86 -21.06
C ILE B 169 2.96 -5.97 -21.77
N HIS B 170 4.02 -5.49 -21.13
CA HIS B 170 5.36 -5.63 -21.69
C HIS B 170 6.34 -6.08 -20.60
N PHE B 171 7.33 -6.87 -21.01
CA PHE B 171 8.37 -7.33 -20.09
C PHE B 171 9.55 -7.79 -20.93
N GLU B 172 10.64 -8.19 -20.28
CA GLU B 172 11.84 -8.61 -21.02
C GLU B 172 12.34 -9.98 -20.63
N PHE B 173 13.06 -10.62 -21.53
CA PHE B 173 13.64 -11.92 -21.26
C PHE B 173 15.14 -11.82 -21.10
N TYR B 174 15.78 -12.89 -20.67
CA TYR B 174 17.23 -12.89 -20.57
C TYR B 174 17.82 -12.58 -21.92
N ASP B 175 17.18 -13.07 -22.99
CA ASP B 175 17.66 -12.84 -24.35
C ASP B 175 17.27 -11.48 -24.90
N THR B 176 16.35 -10.79 -24.24
CA THR B 176 15.88 -9.50 -24.75
C THR B 176 16.22 -8.35 -23.81
N TYR B 177 17.02 -8.63 -22.79
CA TYR B 177 17.39 -7.61 -21.81
C TYR B 177 18.03 -6.42 -22.50
N SER B 178 17.52 -5.22 -22.21
CA SER B 178 17.79 -4.05 -23.05
C SER B 178 19.26 -3.62 -22.99
N TYR B 179 19.91 -3.76 -21.83
CA TYR B 179 21.31 -3.39 -21.69
C TYR B 179 22.24 -4.31 -22.48
N LYS B 180 21.77 -5.48 -22.92
CA LYS B 180 22.58 -6.32 -23.80
C LYS B 180 22.78 -5.65 -25.16
N GLN B 181 21.84 -4.80 -25.55
CA GLN B 181 21.98 -4.08 -26.81
C GLN B 181 22.79 -2.83 -26.62
N LYS B 182 22.62 -2.15 -25.49
CA LYS B 182 23.33 -0.90 -25.26
C LYS B 182 24.82 -1.11 -25.04
N PHE B 183 25.19 -2.29 -24.55
CA PHE B 183 26.59 -2.59 -24.34
C PHE B 183 26.94 -3.75 -25.24
N VAL B 184 27.13 -3.48 -26.52
CA VAL B 184 27.38 -4.54 -27.48
C VAL B 184 28.69 -5.28 -27.25
N ASP B 185 28.64 -6.60 -27.24
CA ASP B 185 29.85 -7.40 -27.10
C ASP B 185 30.52 -7.30 -25.74
N SER B 186 30.03 -6.43 -24.89
CA SER B 186 30.68 -6.23 -23.60
C SER B 186 29.80 -6.58 -22.41
N PHE B 187 28.50 -6.72 -22.65
CA PHE B 187 27.58 -6.99 -21.55
C PHE B 187 28.00 -8.17 -20.72
N ASP B 188 28.36 -9.27 -21.39
CA ASP B 188 28.66 -10.48 -20.62
C ASP B 188 29.85 -10.27 -19.69
N LYS B 189 30.93 -9.69 -20.23
CA LYS B 189 32.08 -9.36 -19.38
C LYS B 189 31.67 -8.45 -18.23
N ILE B 190 30.86 -7.41 -18.52
CA ILE B 190 30.40 -6.50 -17.48
C ILE B 190 29.63 -7.26 -16.40
N SER B 191 28.62 -8.03 -16.81
CA SER B 191 27.79 -8.72 -15.82
C SER B 191 28.58 -9.77 -15.07
N GLN B 192 29.51 -10.46 -15.75
CA GLN B 192 30.39 -11.41 -15.07
C GLN B 192 31.21 -10.73 -13.98
N GLU B 193 31.82 -9.59 -14.31
CA GLU B 193 32.63 -8.87 -13.33
C GLU B 193 31.80 -8.48 -12.12
N ILE B 194 30.57 -8.03 -12.36
CA ILE B 194 29.67 -7.66 -11.27
C ILE B 194 29.27 -8.90 -10.49
N GLU B 195 28.90 -9.97 -11.20
CA GLU B 195 28.48 -11.19 -10.50
C GLU B 195 29.63 -11.77 -9.70
N LYS B 196 30.85 -11.72 -10.24
CA LYS B 196 32.02 -12.13 -9.48
C LYS B 196 32.14 -11.33 -8.18
N ALA B 197 31.99 -10.00 -8.25
CA ALA B 197 32.14 -9.18 -7.06
C ALA B 197 31.07 -9.50 -6.01
N ILE B 198 29.81 -9.66 -6.44
CA ILE B 198 28.74 -9.97 -5.50
C ILE B 198 28.98 -11.34 -4.85
N LYS B 199 29.44 -12.32 -5.63
CA LYS B 199 29.72 -13.64 -5.08
C LYS B 199 30.90 -13.61 -4.12
N ASP B 200 31.84 -12.66 -4.30
CA ASP B 200 32.96 -12.46 -3.39
C ASP B 200 32.58 -11.59 -2.19
N ASP B 201 31.29 -11.34 -1.99
CA ASP B 201 30.77 -10.59 -0.83
C ASP B 201 31.25 -9.13 -0.82
N LYS B 202 31.44 -8.55 -1.99
CA LYS B 202 31.84 -7.16 -2.11
C LYS B 202 30.66 -6.24 -2.39
N GLY B 203 29.43 -6.76 -2.31
CA GLY B 203 28.27 -5.94 -2.63
C GLY B 203 28.17 -4.70 -1.77
N GLU B 204 28.44 -4.85 -0.47
CA GLU B 204 28.39 -3.70 0.43
C GLU B 204 29.47 -2.69 0.07
N ASP B 205 30.69 -3.16 -0.20
CA ASP B 205 31.73 -2.28 -0.70
C ASP B 205 31.31 -1.58 -1.98
N PHE B 206 30.67 -2.31 -2.90
CA PHE B 206 30.21 -1.72 -4.14
C PHE B 206 29.19 -0.60 -3.87
N VAL B 207 28.15 -0.91 -3.09
CA VAL B 207 27.11 0.10 -2.87
C VAL B 207 27.68 1.31 -2.15
N LYS B 208 28.61 1.11 -1.21
CA LYS B 208 29.27 2.23 -0.57
C LYS B 208 29.93 3.14 -1.62
N TRP B 209 30.74 2.55 -2.51
CA TRP B 209 31.40 3.36 -3.53
C TRP B 209 30.39 4.01 -4.46
N LEU B 210 29.34 3.28 -4.86
CA LEU B 210 28.28 3.87 -5.67
C LEU B 210 27.68 5.10 -5.01
N GLU B 211 27.45 5.03 -3.69
CA GLU B 211 26.94 6.19 -2.98
C GLU B 211 27.97 7.31 -2.95
N ASP B 212 29.24 6.98 -2.75
CA ASP B 212 30.28 7.99 -2.65
C ASP B 212 31.60 7.34 -3.02
N PRO B 213 32.27 7.77 -4.10
CA PRO B 213 32.03 8.98 -4.88
C PRO B 213 31.12 8.92 -6.10
N PHE B 214 30.60 7.76 -6.54
CA PHE B 214 29.98 7.67 -7.86
C PHE B 214 28.80 8.63 -7.99
N ARG B 215 27.81 8.51 -7.08
CA ARG B 215 26.61 9.33 -7.21
C ARG B 215 26.91 10.81 -7.03
N LYS B 216 27.94 11.16 -6.26
CA LYS B 216 28.31 12.58 -6.10
C LYS B 216 28.86 13.17 -7.40
N ILE B 217 29.46 12.35 -8.27
CA ILE B 217 30.01 12.85 -9.53
C ILE B 217 28.96 12.85 -10.63
N PHE B 218 28.25 11.74 -10.78
CA PHE B 218 27.40 11.49 -11.93
C PHE B 218 25.91 11.72 -11.67
N LYS B 219 25.54 12.07 -10.44
CA LYS B 219 24.16 12.42 -10.13
C LYS B 219 24.14 13.79 -9.48
N GLY B 220 23.48 14.74 -10.13
CA GLY B 220 23.29 16.07 -9.59
C GLY B 220 22.05 16.73 -10.17
N GLU B 221 22.24 17.84 -10.88
CA GLU B 221 21.14 18.47 -11.58
C GLU B 221 20.60 17.53 -12.66
N ASN B 222 19.29 17.61 -12.92
CA ASN B 222 18.71 16.87 -14.01
C ASN B 222 19.37 17.24 -15.33
N LYS B 223 19.54 16.24 -16.20
CA LYS B 223 20.21 16.38 -17.50
C LYS B 223 21.68 16.78 -17.34
N LEU B 224 22.27 16.54 -16.15
CA LEU B 224 23.69 16.82 -15.93
C LEU B 224 24.56 16.09 -16.95
N LEU B 225 24.26 14.82 -17.19
CA LEU B 225 25.01 14.01 -18.13
C LEU B 225 24.47 14.14 -19.56
N GLU B 226 23.63 15.14 -19.82
CA GLU B 226 23.16 15.41 -21.16
C GLU B 226 23.75 16.67 -21.77
N LYS B 227 24.32 17.57 -20.95
CA LYS B 227 24.92 18.82 -21.41
C LYS B 227 26.36 18.85 -20.94
N THR B 228 27.30 18.89 -21.88
CA THR B 228 28.72 18.88 -21.51
C THR B 228 29.07 20.07 -20.63
N ALA B 229 28.39 21.20 -20.83
CA ALA B 229 28.68 22.41 -20.05
C ALA B 229 28.30 22.22 -18.58
N LYS B 230 27.07 21.76 -18.34
CA LYS B 230 26.63 21.54 -16.96
C LYS B 230 27.54 20.52 -16.27
N PHE B 231 28.02 19.52 -17.00
CA PHE B 231 28.82 18.47 -16.38
C PHE B 231 30.19 18.99 -15.98
N LYS B 232 30.83 19.79 -16.84
CA LYS B 232 32.12 20.35 -16.50
C LYS B 232 32.01 21.35 -15.34
N LYS B 233 30.89 22.08 -15.28
CA LYS B 233 30.65 22.96 -14.14
C LYS B 233 30.55 22.17 -12.85
N HIS B 234 29.85 21.03 -12.91
CA HIS B 234 29.78 20.11 -11.78
C HIS B 234 31.15 19.57 -11.41
N ILE B 235 32.00 19.29 -12.42
CA ILE B 235 33.35 18.81 -12.14
C ILE B 235 34.17 19.89 -11.44
N GLU B 236 34.05 21.15 -11.88
CA GLU B 236 34.88 22.19 -11.31
C GLU B 236 34.41 22.56 -9.89
N LYS B 237 33.10 22.49 -9.62
CA LYS B 237 32.63 22.65 -8.26
C LYS B 237 33.24 21.61 -7.33
N LEU B 238 33.26 20.34 -7.75
CA LEU B 238 33.74 19.28 -6.87
C LEU B 238 35.24 19.38 -6.65
N LEU B 239 35.98 19.87 -7.66
CA LEU B 239 37.42 20.05 -7.51
C LEU B 239 37.76 21.10 -6.45
N LYS B 240 36.79 21.94 -6.13
CA LYS B 240 37.01 22.97 -5.11
C LYS B 240 37.17 22.38 -3.74
N ASP B 241 36.65 21.18 -3.52
CA ASP B 241 36.79 20.51 -2.23
C ASP B 241 38.20 20.01 -2.07
N ASN B 242 38.99 20.09 -3.13
CA ASN B 242 40.38 19.66 -3.07
C ASN B 242 40.51 18.18 -2.68
N ASP B 243 41.46 17.85 -1.84
CA ASP B 243 41.69 16.45 -1.49
C ASP B 243 40.41 15.77 -1.02
N SER B 244 39.47 16.55 -0.51
CA SER B 244 38.23 16.00 -0.03
C SER B 244 37.22 15.82 -1.16
N SER B 245 37.62 16.14 -2.38
CA SER B 245 36.69 16.08 -3.50
C SER B 245 36.29 14.63 -3.80
N PRO B 246 35.05 14.41 -4.24
CA PRO B 246 34.70 13.08 -4.78
C PRO B 246 35.64 12.63 -5.89
N ILE B 247 36.15 13.57 -6.70
CA ILE B 247 37.01 13.18 -7.82
C ILE B 247 38.30 12.55 -7.31
N VAL B 248 38.89 13.12 -6.25
CA VAL B 248 40.11 12.54 -5.69
C VAL B 248 39.82 11.14 -5.15
N LYS B 249 38.70 10.98 -4.45
CA LYS B 249 38.34 9.67 -3.94
C LYS B 249 38.14 8.67 -5.07
N PHE B 250 37.50 9.09 -6.16
CA PHE B 250 37.35 8.25 -7.35
C PHE B 250 38.70 7.76 -7.85
N ASN B 251 39.65 8.68 -7.98
CA ASN B 251 40.95 8.38 -8.59
C ASN B 251 41.86 7.61 -7.64
N GLU B 252 41.79 7.86 -6.33
CA GLU B 252 42.77 7.33 -5.40
C GLU B 252 42.26 6.21 -4.51
N LYS B 253 40.95 6.13 -4.26
CA LYS B 253 40.40 5.19 -3.29
C LYS B 253 39.47 4.17 -3.94
N THR B 254 39.54 3.98 -5.24
CA THR B 254 38.63 3.02 -5.86
C THR B 254 39.24 1.61 -5.82
N PRO B 255 38.53 0.62 -5.29
CA PRO B 255 39.10 -0.74 -5.18
C PRO B 255 39.30 -1.37 -6.55
N GLN B 256 40.29 -2.27 -6.63
CA GLN B 256 40.64 -2.87 -7.91
C GLN B 256 39.45 -3.58 -8.55
N PHE B 257 38.62 -4.24 -7.75
CA PHE B 257 37.47 -4.93 -8.33
C PHE B 257 36.47 -3.95 -8.97
N ILE B 258 36.47 -2.70 -8.52
CA ILE B 258 35.63 -1.69 -9.14
C ILE B 258 36.30 -1.13 -10.40
N TRP B 259 37.62 -0.94 -10.38
CA TRP B 259 38.29 -0.58 -11.65
C TRP B 259 38.01 -1.63 -12.72
N ASP B 260 38.06 -2.92 -12.34
CA ASP B 260 37.82 -3.98 -13.31
C ASP B 260 36.38 -3.95 -13.82
N ILE B 261 35.43 -3.61 -12.97
CA ILE B 261 34.06 -3.45 -13.44
C ILE B 261 33.98 -2.30 -14.44
N LEU B 262 34.59 -1.15 -14.10
CA LEU B 262 34.54 0.03 -14.96
C LEU B 262 35.22 -0.22 -16.29
N ASN B 263 36.35 -0.94 -16.27
CA ASN B 263 37.11 -1.20 -17.48
C ASN B 263 36.49 -2.29 -18.34
N ALA B 264 35.44 -2.96 -17.87
CA ALA B 264 34.76 -3.95 -18.69
C ALA B 264 33.80 -3.31 -19.69
N PHE B 265 33.49 -2.03 -19.52
CA PHE B 265 32.58 -1.34 -20.42
C PHE B 265 33.27 -1.06 -21.75
N PRO B 266 32.49 -0.90 -22.84
CA PRO B 266 33.11 -0.67 -24.15
C PRO B 266 33.87 0.65 -24.17
N GLU B 267 34.99 0.64 -24.91
CA GLU B 267 35.89 1.79 -24.98
C GLU B 267 35.18 3.13 -25.04
N GLY B 268 34.21 3.25 -25.94
CA GLY B 268 33.45 4.48 -26.05
C GLY B 268 32.35 4.67 -25.01
N LYS B 269 32.24 3.81 -24.00
CA LYS B 269 31.22 3.98 -22.98
C LYS B 269 31.79 3.90 -21.56
N LYS B 270 33.06 4.22 -21.39
CA LYS B 270 33.72 4.11 -20.10
C LYS B 270 33.73 5.45 -19.37
N LEU B 271 33.50 5.40 -18.05
CA LEU B 271 33.50 6.62 -17.25
C LEU B 271 34.90 7.10 -16.92
N ASN B 272 35.91 6.27 -17.11
CA ASN B 272 37.26 6.60 -16.70
C ASN B 272 38.16 6.68 -17.92
N ASP B 273 39.33 7.28 -17.71
CA ASP B 273 40.40 7.40 -18.70
C ASP B 273 41.67 6.94 -17.98
N GLY B 274 42.10 5.71 -18.27
CA GLY B 274 43.10 5.18 -17.35
C GLY B 274 42.48 5.06 -15.96
N GLN B 275 43.33 5.14 -14.94
CA GLN B 275 42.83 5.12 -13.56
C GLN B 275 42.47 6.52 -13.09
N LYS B 276 41.67 7.20 -13.90
CA LYS B 276 41.32 8.59 -13.64
C LYS B 276 39.95 8.86 -14.25
N LEU B 277 39.19 9.72 -13.58
CA LEU B 277 37.92 10.16 -14.12
C LEU B 277 38.11 10.80 -15.49
N TRP B 278 37.22 10.50 -16.41
CA TRP B 278 37.23 11.16 -17.71
C TRP B 278 36.58 12.53 -17.57
N ILE B 279 37.37 13.59 -17.81
CA ILE B 279 36.89 14.97 -17.73
C ILE B 279 36.67 15.45 -19.16
N PRO B 280 35.41 15.65 -19.60
CA PRO B 280 35.06 16.19 -20.92
C PRO B 280 35.70 17.54 -21.21
N THR B 285 30.92 17.67 -26.92
CA THR B 285 29.64 17.50 -27.62
C THR B 285 28.59 16.80 -26.77
N ASN B 286 27.41 17.41 -26.65
CA ASN B 286 26.37 16.86 -25.78
C ASN B 286 25.99 15.45 -26.20
N ASP B 287 25.77 15.23 -27.49
CA ASP B 287 25.42 13.89 -27.93
C ASP B 287 26.59 12.93 -27.81
N ASN B 288 27.82 13.43 -27.83
CA ASN B 288 28.95 12.54 -27.60
C ASN B 288 29.08 12.20 -26.13
N LEU B 289 28.82 13.17 -25.25
CA LEU B 289 28.79 12.88 -23.83
C LEU B 289 27.70 11.87 -23.48
N SER B 290 26.48 12.09 -23.98
CA SER B 290 25.40 11.16 -23.67
C SER B 290 25.74 9.76 -24.14
N SER B 291 26.25 9.64 -25.37
CA SER B 291 26.62 8.34 -25.90
C SER B 291 27.68 7.65 -25.05
N ARG B 292 28.58 8.44 -24.44
CA ARG B 292 29.61 7.83 -23.61
C ARG B 292 29.09 7.45 -22.23
N VAL B 293 28.31 8.31 -21.56
CA VAL B 293 28.07 8.15 -20.14
C VAL B 293 26.66 7.70 -19.78
N LYS B 294 25.66 7.98 -20.63
CA LYS B 294 24.27 7.83 -20.20
C LYS B 294 23.94 6.40 -19.78
N ASP B 295 24.09 5.44 -20.69
CA ASP B 295 23.76 4.05 -20.39
C ASP B 295 24.64 3.49 -19.26
N THR B 296 25.92 3.83 -19.28
CA THR B 296 26.85 3.32 -18.27
C THR B 296 26.46 3.79 -16.87
N VAL B 297 26.14 5.08 -16.73
CA VAL B 297 25.76 5.60 -15.44
C VAL B 297 24.43 5.00 -14.99
N GLU B 298 23.46 4.91 -15.91
CA GLU B 298 22.16 4.34 -15.54
C GLU B 298 22.30 2.88 -15.12
N PHE B 299 23.16 2.12 -15.78
CA PHE B 299 23.30 0.73 -15.42
C PHE B 299 23.95 0.59 -14.06
N LEU B 300 25.05 1.30 -13.85
CA LEU B 300 25.78 1.20 -12.59
C LEU B 300 24.99 1.72 -11.40
N ASN B 301 24.07 2.65 -11.64
CA ASN B 301 23.30 3.25 -10.55
C ASN B 301 22.23 2.33 -9.98
N GLY B 302 22.14 1.10 -10.46
CA GLY B 302 21.17 0.17 -9.91
C GLY B 302 20.54 -0.87 -10.81
N LYS B 303 20.46 -0.58 -12.10
CA LYS B 303 19.91 -1.56 -13.04
C LYS B 303 20.69 -2.85 -12.98
N TRP B 304 22.00 -2.75 -12.73
CA TRP B 304 22.83 -3.93 -12.66
C TRP B 304 22.30 -4.90 -11.63
N PHE B 305 21.69 -4.38 -10.57
CA PHE B 305 21.23 -5.27 -9.50
C PHE B 305 19.97 -6.01 -9.92
N GLU B 306 19.11 -5.35 -10.71
CA GLU B 306 17.99 -6.03 -11.33
C GLU B 306 18.47 -7.22 -12.17
N TRP B 307 19.43 -6.98 -13.07
CA TRP B 307 19.95 -8.08 -13.89
C TRP B 307 20.58 -9.16 -13.01
N TYR B 308 21.44 -8.76 -12.09
CA TYR B 308 22.13 -9.77 -11.28
C TYR B 308 21.14 -10.72 -10.62
N VAL B 309 20.11 -10.16 -9.98
CA VAL B 309 19.16 -11.02 -9.27
C VAL B 309 18.38 -11.87 -10.26
N TYR B 310 17.97 -11.29 -11.39
CA TYR B 310 17.26 -12.05 -12.41
C TYR B 310 18.10 -13.23 -12.91
N SER B 311 19.38 -13.01 -13.16
CA SER B 311 20.19 -14.12 -13.65
C SER B 311 20.43 -15.17 -12.57
N GLN B 312 20.33 -14.79 -11.29
CA GLN B 312 20.48 -15.78 -10.23
C GLN B 312 19.23 -16.65 -10.09
N ILE B 313 18.06 -16.08 -10.38
CA ILE B 313 16.80 -16.79 -10.24
C ILE B 313 16.55 -17.69 -11.43
N LYS B 314 16.85 -17.21 -12.63
CA LYS B 314 16.52 -17.97 -13.83
C LYS B 314 16.90 -19.44 -13.75
N SER B 315 18.13 -19.71 -13.34
CA SER B 315 18.59 -21.09 -13.28
C SER B 315 17.66 -21.95 -12.45
N GLU B 316 17.43 -21.55 -11.21
CA GLU B 316 16.57 -22.31 -10.32
C GLU B 316 15.20 -22.54 -10.94
N LEU B 317 14.65 -21.50 -11.55
CA LEU B 317 13.31 -21.60 -12.11
C LEU B 317 13.24 -22.54 -13.31
N LEU B 318 14.31 -22.60 -14.10
CA LEU B 318 14.33 -23.50 -15.24
C LEU B 318 14.25 -24.95 -14.79
N ASP B 319 14.98 -25.31 -13.73
CA ASP B 319 14.89 -26.63 -13.13
C ASP B 319 13.50 -26.94 -12.58
N ARG B 320 12.65 -25.93 -12.39
CA ARG B 320 11.36 -26.11 -11.75
C ARG B 320 10.18 -26.09 -12.71
N LYS B 321 10.42 -26.18 -14.02
CA LYS B 321 9.38 -26.31 -15.05
C LYS B 321 8.72 -24.98 -15.39
N LEU B 322 9.06 -23.89 -14.70
CA LEU B 322 8.55 -22.57 -15.08
C LEU B 322 9.02 -22.20 -16.48
N LYS B 323 8.16 -21.48 -17.20
CA LYS B 323 8.46 -21.00 -18.54
C LYS B 323 8.73 -19.49 -18.51
N GLU B 324 9.96 -19.11 -18.85
CA GLU B 324 10.26 -17.69 -18.99
C GLU B 324 9.26 -17.02 -19.91
N GLY B 325 8.87 -15.82 -19.56
CA GLY B 325 7.83 -15.10 -20.30
C GLY B 325 6.42 -15.35 -19.80
N GLU B 326 6.05 -16.62 -19.63
CA GLU B 326 4.75 -16.96 -19.09
C GLU B 326 4.73 -16.87 -17.58
N HIS B 327 5.79 -17.35 -16.92
CA HIS B 327 5.81 -17.50 -15.47
C HIS B 327 6.88 -16.68 -14.77
N PHE B 328 7.83 -16.11 -15.50
CA PHE B 328 8.73 -15.17 -14.87
C PHE B 328 9.31 -14.25 -15.92
N GLY B 329 9.86 -13.14 -15.46
CA GLY B 329 10.47 -12.16 -16.34
C GLY B 329 10.90 -10.92 -15.59
N ILE B 330 11.54 -10.01 -16.35
CA ILE B 330 12.14 -8.80 -15.81
C ILE B 330 11.50 -7.56 -16.47
N SER B 331 11.41 -6.48 -15.69
CA SER B 331 10.93 -5.16 -16.13
C SER B 331 9.50 -5.22 -16.68
N LEU B 332 8.59 -5.63 -15.82
CA LEU B 332 7.18 -5.73 -16.17
C LEU B 332 6.53 -4.36 -16.12
N LYS B 333 5.71 -4.05 -17.13
CA LYS B 333 4.90 -2.85 -17.16
C LYS B 333 3.54 -3.15 -17.79
N ALA B 334 2.51 -2.42 -17.36
CA ALA B 334 1.17 -2.49 -17.93
C ALA B 334 0.36 -1.33 -17.38
N GLN B 335 -0.87 -1.19 -17.86
CA GLN B 335 -1.73 -0.09 -17.46
C GLN B 335 -3.16 -0.58 -17.44
N LYS B 336 -3.98 0.06 -16.60
CA LYS B 336 -5.40 0.02 -16.85
C LYS B 336 -5.75 1.02 -17.96
N LYS B 337 -6.89 0.81 -18.59
CA LYS B 337 -7.29 1.67 -19.69
C LYS B 337 -7.25 3.13 -19.27
N ASP B 338 -6.54 3.94 -20.06
CA ASP B 338 -6.43 5.39 -19.87
C ASP B 338 -5.81 5.75 -18.51
N SER B 339 -4.91 4.90 -18.01
CA SER B 339 -4.33 5.11 -16.69
C SER B 339 -2.81 4.93 -16.72
N PRO B 340 -2.10 5.52 -15.78
CA PRO B 340 -0.63 5.44 -15.82
C PRO B 340 -0.14 3.99 -15.70
N TYR B 341 1.01 3.75 -16.31
CA TYR B 341 1.69 2.47 -16.24
C TYR B 341 2.38 2.30 -14.90
N PHE B 342 2.39 1.07 -14.40
CA PHE B 342 3.29 0.69 -13.32
C PHE B 342 4.54 0.07 -13.90
N ALA B 343 5.54 -0.10 -13.03
CA ALA B 343 6.75 -0.85 -13.33
C ALA B 343 7.04 -1.78 -12.17
N LEU B 344 7.25 -3.06 -12.45
CA LEU B 344 7.68 -4.02 -11.44
C LEU B 344 8.97 -4.67 -11.92
N ASP B 345 9.97 -4.76 -11.03
CA ASP B 345 11.32 -5.17 -11.45
C ASP B 345 11.34 -6.61 -11.95
N ILE B 346 10.79 -7.53 -11.17
CA ILE B 346 10.81 -8.94 -11.50
C ILE B 346 9.49 -9.57 -11.06
N PHE B 347 8.91 -10.41 -11.92
CA PHE B 347 7.74 -11.18 -11.56
C PHE B 347 8.02 -12.67 -11.67
N LEU B 348 7.36 -13.44 -10.84
CA LEU B 348 7.44 -14.90 -10.82
C LEU B 348 6.06 -15.42 -10.47
N ILE B 349 5.63 -16.50 -11.13
CA ILE B 349 4.34 -17.10 -10.81
C ILE B 349 4.58 -18.53 -10.37
N ASN B 350 4.25 -18.82 -9.12
CA ASN B 350 4.32 -20.17 -8.57
C ASN B 350 2.89 -20.73 -8.54
N GLY B 351 2.58 -21.55 -9.56
CA GLY B 351 1.26 -22.12 -9.66
C GLY B 351 0.30 -21.06 -10.11
N TYR B 352 -0.52 -20.53 -9.20
CA TYR B 352 -1.31 -19.36 -9.54
C TYR B 352 -1.08 -18.23 -8.55
N GLN B 353 0.04 -18.22 -7.83
CA GLN B 353 0.34 -17.13 -6.93
C GLN B 353 1.40 -16.23 -7.56
N LEU B 354 1.06 -14.94 -7.70
CA LEU B 354 2.01 -13.95 -8.17
C LEU B 354 3.03 -13.63 -7.08
N ILE B 355 4.31 -13.68 -7.42
CA ILE B 355 5.34 -13.14 -6.55
C ILE B 355 5.98 -11.97 -7.29
N GLY B 356 5.74 -10.76 -6.77
CA GLY B 356 6.41 -9.59 -7.30
C GLY B 356 7.65 -9.32 -6.47
N ILE B 357 8.75 -9.01 -7.16
CA ILE B 357 10.05 -8.76 -6.54
C ILE B 357 10.51 -7.37 -6.95
N SER B 358 10.76 -6.53 -5.94
CA SER B 358 11.27 -5.18 -6.11
C SER B 358 12.69 -5.12 -5.54
N LEU B 359 13.59 -4.43 -6.25
CA LEU B 359 15.01 -4.43 -5.91
C LEU B 359 15.53 -3.03 -5.64
N THR B 360 16.30 -2.87 -4.57
CA THR B 360 17.01 -1.61 -4.37
C THR B 360 18.37 -1.93 -3.77
N THR B 361 19.38 -1.17 -4.15
CA THR B 361 20.69 -1.28 -3.52
C THR B 361 20.81 -0.40 -2.28
N SER B 362 19.75 0.31 -1.91
CA SER B 362 19.79 1.21 -0.77
C SER B 362 19.96 0.44 0.54
N SER B 363 20.66 1.07 1.48
CA SER B 363 20.74 0.56 2.85
C SER B 363 19.99 1.46 3.84
N THR B 364 19.32 2.50 3.35
CA THR B 364 18.68 3.49 4.22
C THR B 364 17.27 3.04 4.60
N ARG B 365 16.97 3.14 5.89
CA ARG B 365 15.70 2.70 6.42
C ARG B 365 14.52 3.36 5.72
N GLU B 366 14.56 4.69 5.56
CA GLU B 366 13.40 5.39 5.02
C GLU B 366 13.12 5.00 3.57
N LEU B 367 14.16 4.94 2.73
CA LEU B 367 13.92 4.65 1.32
C LEU B 367 13.41 3.23 1.12
N CYS B 368 14.00 2.25 1.81
CA CYS B 368 13.54 0.88 1.64
C CYS B 368 12.09 0.72 2.10
N LYS B 369 11.72 1.40 3.17
CA LYS B 369 10.35 1.37 3.66
C LYS B 369 9.38 1.80 2.56
N LEU B 370 9.66 2.92 1.90
CA LEU B 370 8.81 3.40 0.81
C LEU B 370 8.75 2.39 -0.33
N LYS B 371 9.87 1.76 -0.67
CA LYS B 371 9.84 0.73 -1.69
C LYS B 371 9.00 -0.46 -1.24
N GLY B 372 9.00 -0.74 0.06
CA GLY B 372 8.12 -1.80 0.59
C GLY B 372 6.65 -1.50 0.37
N PHE B 373 6.19 -0.31 0.78
CA PHE B 373 4.80 0.07 0.54
C PHE B 373 4.47 -0.08 -0.95
N GLU B 374 5.39 0.28 -1.83
CA GLU B 374 5.14 0.24 -3.26
C GLU B 374 4.93 -1.19 -3.76
N VAL B 375 5.84 -2.10 -3.43
CA VAL B 375 5.71 -3.45 -3.98
C VAL B 375 4.49 -4.16 -3.37
N ILE B 376 4.13 -3.84 -2.12
CA ILE B 376 2.91 -4.41 -1.55
C ILE B 376 1.69 -3.99 -2.35
N HIS B 377 1.61 -2.70 -2.70
CA HIS B 377 0.44 -2.23 -3.41
C HIS B 377 0.38 -2.78 -4.83
N ARG B 378 1.53 -2.83 -5.52
CA ARG B 378 1.52 -3.24 -6.92
C ARG B 378 1.04 -4.69 -7.06
N VAL B 379 1.57 -5.60 -6.23
CA VAL B 379 1.20 -7.00 -6.45
C VAL B 379 -0.27 -7.20 -6.12
N ARG B 380 -0.80 -6.44 -5.15
CA ARG B 380 -2.22 -6.47 -4.86
C ARG B 380 -3.05 -6.01 -6.07
N GLN B 381 -2.61 -4.93 -6.72
CA GLN B 381 -3.36 -4.38 -7.85
C GLN B 381 -3.41 -5.33 -9.03
N ILE B 382 -2.29 -5.97 -9.36
CA ILE B 382 -2.19 -6.71 -10.60
C ILE B 382 -2.37 -8.22 -10.45
N GLY B 383 -2.23 -8.75 -9.23
CA GLY B 383 -2.37 -10.19 -9.03
C GLY B 383 -3.41 -10.55 -7.99
N GLY B 384 -4.01 -9.54 -7.37
CA GLY B 384 -5.04 -9.79 -6.38
C GLY B 384 -4.49 -9.87 -4.97
N ASP B 385 -5.43 -10.08 -4.03
CA ASP B 385 -5.19 -9.95 -2.60
C ASP B 385 -4.38 -11.08 -1.96
N GLU B 386 -4.04 -12.13 -2.70
CA GLU B 386 -3.27 -13.23 -2.14
C GLU B 386 -1.89 -13.30 -2.77
N SER B 387 -1.47 -12.22 -3.40
CA SER B 387 -0.15 -12.15 -4.02
C SER B 387 0.92 -11.97 -2.95
N LYS B 388 2.16 -12.30 -3.31
CA LYS B 388 3.30 -12.15 -2.42
C LYS B 388 4.21 -11.05 -2.93
N ALA B 389 4.70 -10.23 -1.99
CA ALA B 389 5.62 -9.14 -2.29
C ALA B 389 6.97 -9.42 -1.66
N ILE B 390 8.03 -9.35 -2.44
CA ILE B 390 9.40 -9.50 -1.94
C ILE B 390 10.16 -8.21 -2.23
N LEU B 391 10.80 -7.67 -1.20
CA LEU B 391 11.69 -6.52 -1.34
C LEU B 391 13.11 -7.01 -1.06
N ILE B 392 14.00 -6.83 -2.03
CA ILE B 392 15.42 -7.10 -1.87
C ILE B 392 16.15 -5.77 -1.74
N THR B 393 16.84 -5.59 -0.63
CA THR B 393 17.48 -4.34 -0.21
C THR B 393 18.98 -4.55 -0.01
N GLY B 394 19.68 -3.44 0.21
CA GLY B 394 21.06 -3.49 0.67
C GLY B 394 21.19 -3.25 2.17
N MET B 395 20.17 -3.59 2.95
CA MET B 395 20.22 -3.39 4.40
C MET B 395 20.76 -4.62 5.13
N ASP B 396 21.31 -4.39 6.33
CA ASP B 396 21.72 -5.49 7.18
C ASP B 396 20.50 -6.22 7.74
N LYS B 397 20.75 -7.37 8.36
CA LYS B 397 19.68 -8.27 8.76
C LYS B 397 18.77 -7.64 9.79
N SER B 398 19.34 -6.92 10.76
CA SER B 398 18.53 -6.25 11.76
C SER B 398 17.53 -5.29 11.10
N LYS B 399 17.97 -4.50 10.12
CA LYS B 399 17.07 -3.55 9.47
C LYS B 399 15.99 -4.27 8.64
N THR B 400 16.34 -5.37 7.97
CA THR B 400 15.33 -6.08 7.18
C THR B 400 14.25 -6.66 8.08
N GLU B 401 14.63 -7.19 9.26
CA GLU B 401 13.64 -7.73 10.17
C GLU B 401 12.70 -6.63 10.69
N ASP B 402 13.26 -5.47 11.03
CA ASP B 402 12.41 -4.35 11.46
C ASP B 402 11.41 -3.98 10.37
N LEU B 403 11.88 -3.90 9.12
CA LEU B 403 11.02 -3.45 8.04
C LEU B 403 9.89 -4.45 7.80
N GLN B 404 10.19 -5.74 7.93
CA GLN B 404 9.15 -6.76 7.83
C GLN B 404 8.05 -6.54 8.86
N LYS B 405 8.45 -6.35 10.13
CA LYS B 405 7.44 -6.13 11.16
C LYS B 405 6.70 -4.83 10.95
N ASP B 406 7.41 -3.80 10.51
CA ASP B 406 6.82 -2.47 10.32
C ASP B 406 5.65 -2.53 9.33
N LEU B 407 5.83 -3.26 8.23
CA LEU B 407 4.86 -3.26 7.14
C LEU B 407 3.96 -4.49 7.11
N ALA B 408 4.14 -5.41 8.07
CA ALA B 408 3.30 -6.60 8.11
C ALA B 408 1.83 -6.22 8.23
N TYR B 409 1.00 -6.89 7.47
CA TYR B 409 -0.44 -6.68 7.53
C TYR B 409 -1.10 -8.04 7.62
N GLU B 410 -2.11 -8.17 8.47
CA GLU B 410 -2.69 -9.47 8.79
C GLU B 410 -3.85 -9.77 7.84
N THR B 411 -3.82 -10.96 7.20
CA THR B 411 -4.93 -11.40 6.37
C THR B 411 -5.48 -12.78 6.72
N GLY B 412 -5.01 -13.43 7.79
CA GLY B 412 -5.54 -14.70 8.20
C GLY B 412 -4.63 -15.89 7.97
N SER B 413 -3.51 -15.70 7.28
CA SER B 413 -2.56 -16.77 6.98
C SER B 413 -1.37 -16.67 7.91
N THR B 414 -0.71 -17.81 8.07
CA THR B 414 0.49 -17.88 8.87
C THR B 414 1.75 -17.56 8.08
N GLN B 415 1.70 -17.57 6.76
CA GLN B 415 2.88 -17.25 5.96
C GLN B 415 2.90 -15.77 5.57
N LYS B 416 4.08 -15.18 5.63
CA LYS B 416 4.27 -13.77 5.32
C LYS B 416 3.98 -13.48 3.85
N ARG B 417 3.25 -12.40 3.58
CA ARG B 417 3.00 -12.00 2.20
C ARG B 417 3.94 -10.86 1.81
N PHE B 418 4.70 -10.33 2.78
CA PHE B 418 5.70 -9.33 2.50
C PHE B 418 7.02 -9.77 3.13
N VAL B 419 8.04 -10.00 2.30
CA VAL B 419 9.31 -10.56 2.75
C VAL B 419 10.43 -9.62 2.32
N VAL B 420 11.43 -9.41 3.19
CA VAL B 420 12.53 -8.48 2.92
C VAL B 420 13.85 -9.24 2.99
N PHE B 421 14.64 -9.14 1.93
CA PHE B 421 16.02 -9.62 1.95
C PHE B 421 16.99 -8.45 1.98
N GLY B 422 18.20 -8.72 2.47
CA GLY B 422 19.19 -7.69 2.70
C GLY B 422 20.57 -8.00 2.16
N ILE B 423 21.55 -7.13 2.44
CA ILE B 423 22.87 -7.23 1.82
C ILE B 423 23.46 -8.63 2.02
N ASP B 424 23.20 -9.27 3.17
CA ASP B 424 23.85 -10.56 3.37
C ASP B 424 23.22 -11.68 2.56
N ASP B 425 22.14 -11.42 1.84
CA ASP B 425 21.50 -12.43 1.02
C ASP B 425 21.91 -12.36 -0.45
N TRP B 426 22.68 -11.34 -0.82
CA TRP B 426 22.96 -11.09 -2.24
C TRP B 426 23.70 -12.24 -2.91
N ALA B 427 24.73 -12.78 -2.25
CA ALA B 427 25.58 -13.79 -2.88
C ALA B 427 24.81 -15.06 -3.22
N ASP B 428 23.89 -15.49 -2.37
CA ASP B 428 23.10 -16.69 -2.62
C ASP B 428 21.63 -16.35 -2.86
N ILE B 429 21.37 -15.26 -3.59
CA ILE B 429 20.01 -14.74 -3.67
C ILE B 429 19.11 -15.68 -4.46
N GLY B 430 19.65 -16.44 -5.40
CA GLY B 430 18.84 -17.38 -6.15
C GLY B 430 18.27 -18.47 -5.25
N SER B 431 19.10 -19.01 -4.37
CA SER B 431 18.67 -20.05 -3.44
C SER B 431 17.69 -19.51 -2.40
N LYS B 432 17.91 -18.28 -1.91
CA LYS B 432 17.01 -17.69 -0.93
C LYS B 432 15.61 -17.45 -1.51
N ILE B 433 15.53 -17.00 -2.76
CA ILE B 433 14.24 -16.80 -3.39
C ILE B 433 13.58 -18.13 -3.68
N CYS B 434 14.35 -19.13 -4.12
CA CYS B 434 13.83 -20.47 -4.33
C CYS B 434 13.17 -20.98 -3.05
N GLU B 435 13.86 -20.87 -1.92
CA GLU B 435 13.29 -21.32 -0.65
C GLU B 435 12.02 -20.54 -0.30
N GLU B 436 12.05 -19.21 -0.47
CA GLU B 436 10.91 -18.40 -0.04
C GLU B 436 9.71 -18.61 -0.95
N VAL B 437 9.93 -18.80 -2.25
CA VAL B 437 8.80 -18.86 -3.16
C VAL B 437 8.13 -20.24 -3.13
N PHE B 438 8.92 -21.30 -3.10
CA PHE B 438 8.41 -22.65 -3.27
C PHE B 438 8.34 -23.36 -1.92
N LYS B 439 7.37 -22.94 -1.10
CA LYS B 439 7.17 -23.54 0.23
C LYS B 439 5.81 -24.23 0.32
MN MN E . 4.30 14.76 5.42
MN MN F . 13.99 -1.25 -8.18
#